data_1ZKD
#
_entry.id   1ZKD
#
_cell.length_a   79.795
_cell.length_b   79.795
_cell.length_c   247.352
_cell.angle_alpha   90.00
_cell.angle_beta   90.00
_cell.angle_gamma   120.00
#
_symmetry.space_group_name_H-M   'P 61'
#
loop_
_entity.id
_entity.type
_entity.pdbx_description
1 polymer DUF185
2 water water
#
_entity_poly.entity_id   1
_entity_poly.type   'polypeptide(L)'
_entity_poly.pdbx_seq_one_letter_code
;MIDQTALATEIKRLIKAAGP(MSE)PVWRY(MSE)ELCLGHPEHGYYVTRDPLGREGDFTTSPEISQ(MSE)FGELLGLW
SASVWKAADEPQTLRLIEIGPGRGT(MSE)(MSE)ADALRALRVLPILYQSLSVHLVEINPVLRQKQQTLLAGIRNIHWH
DSFEDVPEGPAVILANEYFDVLPIHQAIKRETGWHERVIEIGASGELVFGVAADPIPGFEALLPPLARLSPPGAVFEWRP
DTEILKIASRVRDQGGAALIIDYGHLRSDVGDTFQAIASHSYADPLQHPGRADLTAHVDFDALGRAAESIGARAHGPVTQ
GAFLKRLGIETRALSL(MSE)AKATPQVSEDIAGALQRLTGEGRGA(MSE)GS(MSE)FKVIGVSDPKIETLVALSDDTD
REAERRQGTHGLEHHHHHH
;
_entity_poly.pdbx_strand_id   A,B
#
# COMPACT_ATOMS: atom_id res chain seq x y z
N ILE A 2 -26.93 19.94 11.07
CA ILE A 2 -25.46 19.91 11.31
C ILE A 2 -24.88 18.53 10.96
N ASP A 3 -25.76 17.55 10.76
CA ASP A 3 -25.33 16.20 10.43
C ASP A 3 -24.52 16.16 9.13
N GLN A 4 -23.38 15.48 9.20
CA GLN A 4 -22.45 15.34 8.08
C GLN A 4 -23.11 14.99 6.74
N THR A 5 -24.14 14.15 6.79
CA THR A 5 -24.85 13.75 5.58
C THR A 5 -26.32 13.55 5.87
N ALA A 6 -27.11 13.37 4.82
CA ALA A 6 -28.54 13.15 4.97
C ALA A 6 -28.82 11.83 5.67
N LEU A 7 -28.02 10.81 5.33
CA LEU A 7 -28.18 9.49 5.94
C LEU A 7 -27.81 9.52 7.43
N ALA A 8 -26.80 10.33 7.76
CA ALA A 8 -26.36 10.45 9.14
C ALA A 8 -27.54 10.87 10.01
N THR A 9 -28.34 11.80 9.51
CA THR A 9 -29.50 12.31 10.21
C THR A 9 -30.48 11.17 10.47
N GLU A 10 -30.71 10.37 9.44
CA GLU A 10 -31.62 9.23 9.52
C GLU A 10 -31.14 8.21 10.56
N ILE A 11 -29.85 7.91 10.55
CA ILE A 11 -29.27 6.95 11.48
C ILE A 11 -29.43 7.39 12.93
N LYS A 12 -29.06 8.64 13.21
CA LYS A 12 -29.17 9.18 14.56
C LYS A 12 -30.60 9.10 15.08
N ARG A 13 -31.56 9.34 14.19
CA ARG A 13 -32.96 9.29 14.56
C ARG A 13 -33.35 7.85 14.90
N LEU A 14 -32.85 6.91 14.11
CA LEU A 14 -33.13 5.50 14.31
C LEU A 14 -32.52 4.97 15.60
N ILE A 15 -31.42 5.58 16.03
CA ILE A 15 -30.74 5.16 17.25
C ILE A 15 -31.51 5.64 18.48
N LYS A 16 -31.96 6.89 18.45
CA LYS A 16 -32.70 7.44 19.58
C LYS A 16 -34.03 6.70 19.70
N ALA A 17 -34.57 6.26 18.57
CA ALA A 17 -35.83 5.55 18.53
C ALA A 17 -35.77 4.06 18.85
N ALA A 18 -34.81 3.35 18.28
CA ALA A 18 -34.70 1.90 18.52
C ALA A 18 -33.55 1.46 19.41
N GLY A 19 -32.67 2.38 19.77
CA GLY A 19 -31.55 2.02 20.62
C GLY A 19 -30.29 1.79 19.79
N PRO A 20 -29.18 1.39 20.41
CA PRO A 20 -27.92 1.15 19.68
C PRO A 20 -28.11 0.32 18.41
N MSE A 21 -27.47 0.77 17.33
CA MSE A 21 -27.56 0.09 16.03
C MSE A 21 -26.35 -0.81 15.77
O MSE A 21 -25.22 -0.34 15.72
CB MSE A 21 -27.67 1.13 14.92
CG MSE A 21 -27.78 0.54 13.51
SE MSE A 21 -27.69 1.87 12.11
CE MSE A 21 -29.37 2.79 12.44
N PRO A 22 -26.58 -2.12 15.61
CA PRO A 22 -25.44 -3.03 15.36
C PRO A 22 -24.65 -2.62 14.12
N VAL A 23 -23.34 -2.85 14.16
CA VAL A 23 -22.47 -2.48 13.06
C VAL A 23 -22.94 -2.98 11.70
N TRP A 24 -23.38 -4.23 11.61
CA TRP A 24 -23.83 -4.76 10.32
C TRP A 24 -25.00 -3.95 9.74
N ARG A 25 -25.87 -3.46 10.62
CA ARG A 25 -27.03 -2.68 10.18
C ARG A 25 -26.60 -1.32 9.63
N TYR A 26 -25.64 -0.69 10.31
CA TYR A 26 -25.12 0.59 9.89
C TYR A 26 -24.45 0.49 8.51
N MSE A 27 -23.69 -0.58 8.28
CA MSE A 27 -23.01 -0.75 7.01
C MSE A 27 -24.05 -0.99 5.90
O MSE A 27 -23.92 -0.47 4.79
CB MSE A 27 -22.02 -1.94 7.05
CG MSE A 27 -21.11 -2.02 5.81
SE MSE A 27 -19.69 -3.40 5.94
CE MSE A 27 -19.60 -3.94 4.05
N GLU A 28 -25.07 -1.77 6.25
CA GLU A 28 -26.14 -2.09 5.31
C GLU A 28 -26.83 -0.81 4.84
N LEU A 29 -27.15 0.06 5.79
CA LEU A 29 -27.80 1.33 5.46
C LEU A 29 -26.88 2.26 4.68
N CYS A 30 -25.63 2.37 5.11
CA CYS A 30 -24.67 3.23 4.41
C CYS A 30 -24.51 2.86 2.95
N LEU A 31 -24.62 1.56 2.66
CA LEU A 31 -24.45 1.10 1.29
C LEU A 31 -25.74 0.96 0.49
N GLY A 32 -26.81 0.49 1.12
CA GLY A 32 -28.05 0.27 0.38
C GLY A 32 -29.29 1.11 0.60
N HIS A 33 -29.21 2.18 1.37
CA HIS A 33 -30.40 2.99 1.59
C HIS A 33 -30.96 3.44 0.23
N PRO A 34 -32.22 3.06 -0.07
CA PRO A 34 -32.90 3.39 -1.33
C PRO A 34 -32.82 4.85 -1.76
N GLU A 35 -32.56 5.74 -0.80
CA GLU A 35 -32.48 7.16 -1.11
C GLU A 35 -31.11 7.78 -0.84
N HIS A 36 -30.41 7.29 0.18
CA HIS A 36 -29.11 7.85 0.53
C HIS A 36 -27.96 6.85 0.56
N GLY A 37 -28.21 5.65 0.06
CA GLY A 37 -27.16 4.63 0.06
C GLY A 37 -26.00 5.02 -0.82
N TYR A 38 -24.84 4.41 -0.60
CA TYR A 38 -23.65 4.71 -1.37
C TYR A 38 -23.83 4.32 -2.84
N TYR A 39 -24.50 3.20 -3.07
CA TYR A 39 -24.72 2.71 -4.42
C TYR A 39 -25.85 3.47 -5.14
N VAL A 40 -26.92 3.77 -4.41
CA VAL A 40 -28.06 4.49 -4.99
C VAL A 40 -27.58 5.85 -5.50
N THR A 41 -26.58 6.41 -4.83
CA THR A 41 -26.04 7.71 -5.22
C THR A 41 -24.51 7.63 -5.29
N ARG A 42 -23.98 7.61 -6.52
CA ARG A 42 -22.54 7.54 -6.71
C ARG A 42 -21.96 6.27 -6.12
N PHE A 51 -12.60 2.07 -10.89
CA PHE A 51 -11.50 1.70 -11.78
C PHE A 51 -10.35 1.10 -11.00
N THR A 52 -10.61 0.82 -9.72
CA THR A 52 -9.61 0.23 -8.83
C THR A 52 -9.72 -1.30 -8.87
N THR A 53 -10.85 -1.80 -9.36
CA THR A 53 -11.08 -3.24 -9.45
C THR A 53 -10.12 -3.86 -10.47
N SER A 54 -9.80 -5.13 -10.28
CA SER A 54 -8.89 -5.85 -11.18
C SER A 54 -9.23 -5.77 -12.68
N PRO A 55 -10.51 -5.99 -13.05
CA PRO A 55 -10.84 -5.92 -14.48
C PRO A 55 -10.67 -4.53 -15.10
N GLU A 56 -10.84 -3.49 -14.31
CA GLU A 56 -10.67 -2.13 -14.83
C GLU A 56 -9.18 -1.80 -14.94
N ILE A 57 -8.37 -2.48 -14.12
CA ILE A 57 -6.93 -2.28 -14.12
C ILE A 57 -6.27 -2.88 -15.36
N SER A 58 -6.74 -4.05 -15.78
CA SER A 58 -6.20 -4.70 -16.96
C SER A 58 -7.14 -5.72 -17.58
N GLN A 59 -7.10 -5.77 -18.91
CA GLN A 59 -7.90 -6.69 -19.71
C GLN A 59 -7.45 -8.13 -19.43
N MSE A 60 -6.23 -8.27 -18.91
CA MSE A 60 -5.66 -9.58 -18.62
C MSE A 60 -6.42 -10.36 -17.54
O MSE A 60 -6.42 -11.58 -17.54
CB MSE A 60 -4.20 -9.46 -18.18
CG MSE A 60 -3.25 -8.87 -19.21
SE MSE A 60 -1.38 -9.01 -18.62
CE MSE A 60 -1.37 -7.68 -17.22
N PHE A 61 -7.04 -9.64 -16.61
CA PHE A 61 -7.78 -10.29 -15.52
C PHE A 61 -8.95 -11.09 -16.09
N GLY A 62 -9.82 -10.41 -16.83
CA GLY A 62 -10.97 -11.05 -17.43
C GLY A 62 -10.59 -12.16 -18.39
N GLU A 63 -9.54 -11.94 -19.18
CA GLU A 63 -9.07 -12.94 -20.14
C GLU A 63 -8.68 -14.24 -19.44
N LEU A 64 -7.86 -14.11 -18.39
CA LEU A 64 -7.39 -15.28 -17.67
C LEU A 64 -8.51 -16.02 -16.95
N LEU A 65 -9.51 -15.32 -16.42
CA LEU A 65 -10.63 -15.98 -15.76
C LEU A 65 -11.45 -16.68 -16.84
N GLY A 66 -11.39 -16.13 -18.06
CA GLY A 66 -12.10 -16.73 -19.17
C GLY A 66 -11.47 -18.08 -19.46
N LEU A 67 -10.13 -18.12 -19.49
CA LEU A 67 -9.44 -19.38 -19.76
C LEU A 67 -9.55 -20.36 -18.58
N TRP A 68 -9.63 -19.84 -17.35
CA TRP A 68 -9.77 -20.72 -16.19
C TRP A 68 -11.14 -21.38 -16.31
N SER A 69 -12.13 -20.62 -16.77
CA SER A 69 -13.48 -21.14 -16.95
C SER A 69 -13.47 -22.30 -17.94
N ALA A 70 -12.60 -22.24 -18.93
CA ALA A 70 -12.49 -23.32 -19.91
C ALA A 70 -12.01 -24.60 -19.22
N SER A 71 -11.06 -24.45 -18.28
CA SER A 71 -10.54 -25.61 -17.56
C SER A 71 -11.63 -26.28 -16.71
N VAL A 72 -12.53 -25.47 -16.17
CA VAL A 72 -13.63 -25.99 -15.36
C VAL A 72 -14.60 -26.75 -16.27
N TRP A 73 -14.83 -26.20 -17.45
CA TRP A 73 -15.72 -26.83 -18.43
C TRP A 73 -15.23 -28.27 -18.66
N LYS A 74 -13.93 -28.43 -18.84
CA LYS A 74 -13.37 -29.75 -19.07
C LYS A 74 -13.49 -30.63 -17.82
N ALA A 75 -13.30 -30.05 -16.64
CA ALA A 75 -13.42 -30.80 -15.40
C ALA A 75 -14.87 -31.24 -15.15
N ALA A 76 -15.82 -30.50 -15.73
CA ALA A 76 -17.24 -30.81 -15.56
C ALA A 76 -17.75 -31.74 -16.67
N ASP A 77 -16.83 -32.36 -17.39
CA ASP A 77 -17.15 -33.28 -18.47
C ASP A 77 -17.73 -32.58 -19.71
N GLU A 78 -17.29 -31.34 -19.93
CA GLU A 78 -17.71 -30.54 -21.08
C GLU A 78 -19.20 -30.53 -21.38
N PRO A 79 -20.01 -29.92 -20.50
CA PRO A 79 -21.45 -29.87 -20.75
C PRO A 79 -21.77 -29.08 -22.02
N GLN A 80 -22.80 -29.50 -22.75
CA GLN A 80 -23.16 -28.85 -24.00
C GLN A 80 -23.68 -27.44 -23.76
N THR A 81 -24.15 -27.20 -22.55
CA THR A 81 -24.63 -25.90 -22.16
C THR A 81 -23.93 -25.55 -20.85
N LEU A 82 -23.16 -24.46 -20.86
CA LEU A 82 -22.46 -24.02 -19.66
C LEU A 82 -22.91 -22.62 -19.31
N ARG A 83 -23.47 -22.47 -18.11
CA ARG A 83 -23.93 -21.17 -17.64
C ARG A 83 -22.73 -20.42 -17.10
N LEU A 84 -22.46 -19.24 -17.67
CA LEU A 84 -21.36 -18.41 -17.22
C LEU A 84 -22.03 -17.27 -16.46
N ILE A 85 -22.04 -17.40 -15.14
CA ILE A 85 -22.70 -16.45 -14.27
C ILE A 85 -21.78 -15.49 -13.54
N GLU A 86 -22.09 -14.20 -13.61
CA GLU A 86 -21.30 -13.23 -12.88
C GLU A 86 -22.16 -12.45 -11.92
N ILE A 87 -21.78 -12.48 -10.64
CA ILE A 87 -22.50 -11.75 -9.61
C ILE A 87 -21.81 -10.40 -9.45
N GLY A 88 -22.53 -9.34 -9.77
CA GLY A 88 -21.97 -8.00 -9.67
C GLY A 88 -21.02 -7.69 -10.82
N PRO A 89 -21.55 -7.58 -12.06
CA PRO A 89 -20.76 -7.29 -13.28
C PRO A 89 -20.15 -5.90 -13.37
N GLY A 90 -20.50 -5.00 -12.46
CA GLY A 90 -19.96 -3.65 -12.51
C GLY A 90 -20.31 -2.97 -13.83
N ARG A 91 -19.30 -2.71 -14.65
CA ARG A 91 -19.52 -2.08 -15.96
C ARG A 91 -19.63 -3.15 -17.04
N GLY A 92 -19.32 -4.39 -16.68
CA GLY A 92 -19.38 -5.49 -17.62
C GLY A 92 -18.06 -5.69 -18.33
N THR A 93 -17.06 -4.90 -17.92
CA THR A 93 -15.72 -4.98 -18.51
C THR A 93 -15.09 -6.36 -18.35
N MSE A 94 -15.16 -6.94 -17.17
CA MSE A 94 -14.57 -8.26 -16.91
C MSE A 94 -15.14 -9.32 -17.85
O MSE A 94 -14.41 -10.15 -18.37
CB MSE A 94 -14.80 -8.67 -15.46
CG MSE A 94 -14.06 -9.96 -15.08
SE MSE A 94 -14.25 -10.42 -13.19
CE MSE A 94 -15.68 -11.72 -13.36
N MSE A 95 -16.46 -9.30 -18.05
CA MSE A 95 -17.13 -10.28 -18.89
C MSE A 95 -16.79 -10.12 -20.37
O MSE A 95 -16.70 -11.09 -21.11
CB MSE A 95 -18.65 -10.21 -18.69
CG MSE A 95 -19.46 -11.27 -19.42
SE MSE A 95 -18.93 -13.10 -19.00
CE MSE A 95 -19.53 -13.15 -17.15
N ALA A 96 -16.57 -8.88 -20.80
CA ALA A 96 -16.23 -8.63 -22.19
C ALA A 96 -14.88 -9.24 -22.49
N ASP A 97 -13.93 -9.06 -21.57
CA ASP A 97 -12.59 -9.60 -21.76
C ASP A 97 -12.59 -11.12 -21.72
N ALA A 98 -13.35 -11.69 -20.79
CA ALA A 98 -13.43 -13.14 -20.66
C ALA A 98 -13.99 -13.77 -21.93
N LEU A 99 -15.05 -13.17 -22.45
CA LEU A 99 -15.69 -13.65 -23.68
C LEU A 99 -14.75 -13.52 -24.87
N ARG A 100 -13.96 -12.45 -24.93
CA ARG A 100 -13.04 -12.29 -26.03
C ARG A 100 -12.00 -13.40 -26.05
N ALA A 101 -11.54 -13.82 -24.86
CA ALA A 101 -10.54 -14.90 -24.78
C ALA A 101 -11.18 -16.25 -25.15
N LEU A 102 -12.41 -16.45 -24.72
CA LEU A 102 -13.13 -17.68 -24.98
C LEU A 102 -13.57 -17.80 -26.44
N ARG A 103 -13.71 -16.67 -27.11
CA ARG A 103 -14.11 -16.65 -28.52
C ARG A 103 -13.10 -17.41 -29.37
N VAL A 104 -11.89 -17.56 -28.85
CA VAL A 104 -10.80 -18.26 -29.52
C VAL A 104 -11.02 -19.77 -29.56
N LEU A 105 -11.99 -20.27 -28.80
CA LEU A 105 -12.28 -21.70 -28.75
C LEU A 105 -13.74 -21.90 -29.19
N PRO A 106 -13.98 -21.93 -30.51
CA PRO A 106 -15.31 -22.09 -31.13
C PRO A 106 -16.32 -23.03 -30.46
N ILE A 107 -15.92 -24.27 -30.22
CA ILE A 107 -16.82 -25.24 -29.60
C ILE A 107 -17.39 -24.76 -28.27
N LEU A 108 -16.51 -24.40 -27.34
CA LEU A 108 -16.93 -23.93 -26.03
C LEU A 108 -17.69 -22.62 -26.12
N TYR A 109 -17.24 -21.71 -26.97
CA TYR A 109 -17.90 -20.43 -27.12
C TYR A 109 -19.37 -20.56 -27.47
N GLN A 110 -19.70 -21.56 -28.29
CA GLN A 110 -21.08 -21.78 -28.69
C GLN A 110 -21.87 -22.60 -27.66
N SER A 111 -21.17 -23.10 -26.65
CA SER A 111 -21.82 -23.88 -25.60
C SER A 111 -22.16 -22.98 -24.40
N LEU A 112 -21.82 -21.70 -24.53
CA LEU A 112 -22.05 -20.73 -23.46
C LEU A 112 -23.37 -19.99 -23.47
N SER A 113 -23.84 -19.67 -22.27
CA SER A 113 -25.05 -18.91 -22.06
C SER A 113 -24.65 -17.98 -20.91
N VAL A 114 -24.54 -16.69 -21.19
CA VAL A 114 -24.12 -15.72 -20.18
C VAL A 114 -25.27 -15.16 -19.35
N HIS A 115 -25.05 -15.12 -18.03
CA HIS A 115 -26.06 -14.63 -17.11
C HIS A 115 -25.47 -13.67 -16.09
N LEU A 116 -25.74 -12.39 -16.28
CA LEU A 116 -25.23 -11.36 -15.39
C LEU A 116 -26.29 -10.91 -14.39
N VAL A 117 -26.02 -11.14 -13.11
CA VAL A 117 -26.95 -10.76 -12.05
C VAL A 117 -26.65 -9.33 -11.66
N GLU A 118 -27.56 -8.43 -11.99
CA GLU A 118 -27.39 -7.02 -11.68
C GLU A 118 -28.71 -6.40 -11.21
N ILE A 119 -28.71 -5.89 -9.98
CA ILE A 119 -29.90 -5.27 -9.40
C ILE A 119 -30.09 -3.84 -9.88
N ASN A 120 -29.00 -3.08 -9.96
CA ASN A 120 -29.03 -1.69 -10.39
C ASN A 120 -29.49 -1.58 -11.84
N PRO A 121 -30.28 -0.54 -12.18
CA PRO A 121 -30.77 -0.34 -13.55
C PRO A 121 -29.78 0.30 -14.51
N VAL A 122 -29.28 1.49 -14.15
CA VAL A 122 -28.33 2.20 -15.01
C VAL A 122 -27.05 1.38 -15.17
N LEU A 123 -26.71 0.62 -14.14
CA LEU A 123 -25.52 -0.22 -14.17
C LEU A 123 -25.79 -1.37 -15.14
N ARG A 124 -27.05 -1.79 -15.19
CA ARG A 124 -27.47 -2.87 -16.07
C ARG A 124 -27.48 -2.38 -17.51
N GLN A 125 -27.70 -1.08 -17.69
CA GLN A 125 -27.76 -0.48 -19.02
C GLN A 125 -26.40 -0.35 -19.69
N LYS A 126 -25.41 0.15 -18.97
CA LYS A 126 -24.09 0.29 -19.57
C LYS A 126 -23.55 -1.09 -19.94
N GLN A 127 -23.88 -2.08 -19.12
CA GLN A 127 -23.46 -3.46 -19.36
C GLN A 127 -24.11 -3.97 -20.65
N GLN A 128 -25.34 -3.52 -20.90
CA GLN A 128 -26.08 -3.94 -22.08
C GLN A 128 -25.53 -3.32 -23.37
N THR A 129 -25.04 -2.09 -23.29
CA THR A 129 -24.48 -1.42 -24.48
C THR A 129 -23.11 -1.96 -24.82
N LEU A 130 -22.33 -2.32 -23.81
CA LEU A 130 -20.98 -2.84 -24.02
C LEU A 130 -21.01 -4.24 -24.63
N LEU A 131 -21.98 -5.04 -24.21
CA LEU A 131 -22.11 -6.41 -24.69
C LEU A 131 -23.27 -6.58 -25.67
N ALA A 132 -23.80 -5.45 -26.14
CA ALA A 132 -24.93 -5.47 -27.07
C ALA A 132 -24.68 -6.35 -28.30
N GLY A 133 -23.42 -6.48 -28.69
CA GLY A 133 -23.09 -7.28 -29.86
C GLY A 133 -23.13 -8.79 -29.70
N ILE A 134 -22.99 -9.29 -28.48
CA ILE A 134 -22.98 -10.72 -28.25
C ILE A 134 -24.36 -11.34 -28.00
N ARG A 135 -24.56 -12.54 -28.54
CA ARG A 135 -25.81 -13.26 -28.40
C ARG A 135 -25.72 -14.19 -27.18
N ASN A 136 -26.87 -14.66 -26.71
CA ASN A 136 -26.94 -15.57 -25.56
C ASN A 136 -26.50 -14.93 -24.25
N ILE A 137 -26.88 -13.68 -24.03
CA ILE A 137 -26.54 -12.99 -22.80
C ILE A 137 -27.81 -12.50 -22.11
N HIS A 138 -27.94 -12.78 -20.82
CA HIS A 138 -29.15 -12.40 -20.08
C HIS A 138 -28.85 -11.69 -18.77
N TRP A 139 -29.87 -11.01 -18.25
CA TRP A 139 -29.74 -10.26 -17.00
C TRP A 139 -30.78 -10.74 -15.99
N HIS A 140 -30.38 -10.78 -14.72
CA HIS A 140 -31.27 -11.24 -13.66
C HIS A 140 -31.16 -10.39 -12.40
N ASP A 141 -32.30 -10.19 -11.74
CA ASP A 141 -32.35 -9.39 -10.51
C ASP A 141 -31.60 -10.09 -9.39
N SER A 142 -31.71 -11.42 -9.34
CA SER A 142 -31.06 -12.20 -8.30
C SER A 142 -30.50 -13.53 -8.79
N PHE A 143 -29.57 -14.07 -8.01
CA PHE A 143 -28.93 -15.35 -8.29
C PHE A 143 -29.98 -16.44 -8.53
N GLU A 144 -31.09 -16.35 -7.79
CA GLU A 144 -32.17 -17.33 -7.88
C GLU A 144 -32.86 -17.39 -9.25
N ASP A 145 -32.88 -16.28 -9.98
CA ASP A 145 -33.54 -16.23 -11.29
C ASP A 145 -32.77 -16.90 -12.42
N VAL A 146 -31.47 -17.11 -12.23
CA VAL A 146 -30.65 -17.74 -13.25
C VAL A 146 -31.08 -19.17 -13.55
N PRO A 147 -31.32 -19.49 -14.84
CA PRO A 147 -31.73 -20.83 -15.25
C PRO A 147 -30.76 -21.90 -14.73
N GLU A 148 -31.26 -23.11 -14.55
CA GLU A 148 -30.45 -24.21 -14.02
C GLU A 148 -29.49 -24.82 -15.05
N GLY A 149 -28.54 -25.61 -14.55
CA GLY A 149 -27.56 -26.25 -15.41
C GLY A 149 -26.15 -26.04 -14.91
N PRO A 150 -25.18 -26.87 -15.37
CA PRO A 150 -23.78 -26.75 -14.96
C PRO A 150 -23.33 -25.31 -15.16
N ALA A 151 -22.50 -24.79 -14.27
CA ALA A 151 -22.06 -23.41 -14.39
C ALA A 151 -20.67 -23.07 -13.86
N VAL A 152 -20.23 -21.88 -14.22
CA VAL A 152 -18.97 -21.30 -13.79
C VAL A 152 -19.44 -19.98 -13.21
N ILE A 153 -19.29 -19.81 -11.90
CA ILE A 153 -19.74 -18.59 -11.23
C ILE A 153 -18.56 -17.74 -10.81
N LEU A 154 -18.52 -16.50 -11.31
CA LEU A 154 -17.44 -15.60 -10.98
C LEU A 154 -17.94 -14.50 -10.03
N ALA A 155 -17.30 -14.36 -8.88
CA ALA A 155 -17.69 -13.35 -7.91
C ALA A 155 -16.48 -12.57 -7.42
N ASN A 156 -16.23 -11.43 -8.08
CA ASN A 156 -15.10 -10.57 -7.74
C ASN A 156 -15.53 -9.40 -6.87
N GLU A 157 -15.01 -9.38 -5.64
CA GLU A 157 -15.32 -8.34 -4.68
C GLU A 157 -16.79 -8.27 -4.29
N TYR A 158 -17.48 -9.40 -4.35
CA TYR A 158 -18.91 -9.45 -3.99
C TYR A 158 -19.09 -9.58 -2.47
N PHE A 159 -18.37 -10.52 -1.88
CA PHE A 159 -18.47 -10.75 -0.44
C PHE A 159 -17.93 -9.65 0.45
N ASP A 160 -16.93 -8.89 -0.03
CA ASP A 160 -16.35 -7.84 0.80
C ASP A 160 -17.29 -6.67 1.10
N VAL A 161 -18.32 -6.49 0.29
CA VAL A 161 -19.27 -5.39 0.53
C VAL A 161 -20.56 -5.85 1.22
N LEU A 162 -20.62 -7.11 1.63
CA LEU A 162 -21.81 -7.59 2.37
C LEU A 162 -21.60 -7.11 3.80
N PRO A 163 -22.69 -6.70 4.49
CA PRO A 163 -22.61 -6.22 5.88
C PRO A 163 -21.81 -7.11 6.82
N ILE A 164 -20.85 -6.52 7.53
CA ILE A 164 -20.01 -7.28 8.47
C ILE A 164 -20.60 -7.23 9.88
N HIS A 165 -20.62 -8.38 10.56
CA HIS A 165 -21.12 -8.46 11.94
C HIS A 165 -19.88 -8.51 12.85
N GLN A 166 -19.92 -7.83 13.99
CA GLN A 166 -18.79 -7.80 14.91
C GLN A 166 -19.21 -7.98 16.36
N ALA A 167 -18.36 -8.67 17.12
CA ALA A 167 -18.61 -8.91 18.54
C ALA A 167 -17.30 -8.69 19.31
N ILE A 168 -17.42 -8.23 20.56
CA ILE A 168 -16.25 -7.97 21.39
C ILE A 168 -16.25 -8.82 22.67
N LYS A 169 -15.09 -9.39 22.98
CA LYS A 169 -14.94 -10.26 24.15
C LYS A 169 -14.86 -9.52 25.48
N ARG A 170 -15.74 -9.90 26.41
CA ARG A 170 -15.78 -9.31 27.75
C ARG A 170 -15.81 -10.43 28.79
N GLU A 171 -15.73 -10.06 30.06
CA GLU A 171 -15.75 -11.06 31.13
C GLU A 171 -17.05 -11.88 31.05
N THR A 172 -18.14 -11.20 30.73
CA THR A 172 -19.44 -11.82 30.63
C THR A 172 -19.70 -12.56 29.32
N GLY A 173 -18.75 -12.46 28.38
CA GLY A 173 -18.91 -13.14 27.10
C GLY A 173 -18.75 -12.21 25.93
N TRP A 174 -19.30 -12.57 24.78
CA TRP A 174 -19.19 -11.74 23.59
C TRP A 174 -20.43 -10.86 23.37
N HIS A 175 -20.24 -9.54 23.36
CA HIS A 175 -21.34 -8.62 23.15
C HIS A 175 -21.25 -8.00 21.76
N GLU A 176 -22.38 -7.93 21.05
CA GLU A 176 -22.38 -7.35 19.71
C GLU A 176 -21.87 -5.91 19.74
N ARG A 177 -21.07 -5.57 18.74
CA ARG A 177 -20.53 -4.23 18.63
C ARG A 177 -21.62 -3.39 17.97
N VAL A 178 -21.84 -2.19 18.49
CA VAL A 178 -22.89 -1.32 17.96
C VAL A 178 -22.45 0.11 17.70
N ILE A 179 -23.36 0.88 17.12
CA ILE A 179 -23.11 2.28 16.80
C ILE A 179 -24.01 3.10 17.73
N GLU A 180 -23.44 4.13 18.35
CA GLU A 180 -24.18 5.01 19.26
C GLU A 180 -23.88 6.47 18.95
N ILE A 181 -24.47 7.37 19.72
CA ILE A 181 -24.24 8.80 19.53
C ILE A 181 -23.36 9.31 20.66
N GLY A 182 -22.24 9.92 20.30
CA GLY A 182 -21.31 10.43 21.28
C GLY A 182 -21.73 11.73 21.93
N ALA A 183 -20.83 12.31 22.71
CA ALA A 183 -21.10 13.56 23.41
C ALA A 183 -21.42 14.70 22.44
N SER A 184 -20.59 14.86 21.41
CA SER A 184 -20.79 15.93 20.45
C SER A 184 -21.85 15.61 19.40
N GLY A 185 -22.58 14.52 19.61
CA GLY A 185 -23.62 14.15 18.66
C GLY A 185 -23.08 13.40 17.46
N GLU A 186 -21.81 13.01 17.51
CA GLU A 186 -21.19 12.28 16.41
C GLU A 186 -21.35 10.78 16.64
N LEU A 187 -21.30 10.01 15.57
CA LEU A 187 -21.43 8.55 15.65
C LEU A 187 -20.18 7.93 16.29
N VAL A 188 -20.38 6.96 17.16
CA VAL A 188 -19.26 6.29 17.82
C VAL A 188 -19.54 4.81 17.98
N PHE A 189 -18.48 4.02 18.20
CA PHE A 189 -18.61 2.58 18.39
C PHE A 189 -18.97 2.28 19.84
N GLY A 190 -19.87 1.32 20.04
CA GLY A 190 -20.27 0.95 21.39
C GLY A 190 -20.39 -0.55 21.53
N VAL A 191 -20.77 -1.00 22.73
CA VAL A 191 -20.92 -2.42 23.00
C VAL A 191 -22.32 -2.72 23.54
N ALA A 192 -22.93 -3.79 23.04
CA ALA A 192 -24.27 -4.18 23.49
C ALA A 192 -24.31 -4.42 25.00
N ALA A 193 -25.49 -4.24 25.59
CA ALA A 193 -25.67 -4.42 27.02
C ALA A 193 -25.44 -5.87 27.44
N ASP A 194 -26.16 -6.79 26.80
CA ASP A 194 -26.05 -8.21 27.12
C ASP A 194 -25.27 -9.00 26.07
N PRO A 195 -24.59 -10.07 26.50
CA PRO A 195 -23.81 -10.90 25.58
C PRO A 195 -24.68 -11.80 24.70
N ILE A 196 -24.13 -12.22 23.57
CA ILE A 196 -24.85 -13.09 22.65
C ILE A 196 -24.91 -14.47 23.31
N PRO A 197 -26.11 -15.05 23.40
CA PRO A 197 -26.34 -16.38 24.01
C PRO A 197 -25.27 -17.44 23.77
N GLY A 198 -25.49 -18.28 22.77
CA GLY A 198 -24.53 -19.34 22.47
C GLY A 198 -23.54 -18.94 21.40
N PHE A 199 -22.88 -17.79 21.58
CA PHE A 199 -21.92 -17.31 20.61
C PHE A 199 -20.64 -18.16 20.58
N GLU A 200 -20.10 -18.45 21.75
CA GLU A 200 -18.88 -19.25 21.86
C GLU A 200 -19.00 -20.61 21.19
N ALA A 201 -20.22 -21.13 21.10
CA ALA A 201 -20.45 -22.43 20.50
C ALA A 201 -20.32 -22.42 18.99
N LEU A 202 -20.28 -21.23 18.39
CA LEU A 202 -20.15 -21.13 16.94
C LEU A 202 -18.78 -20.61 16.53
N LEU A 203 -17.94 -20.31 17.51
CA LEU A 203 -16.59 -19.80 17.26
C LEU A 203 -15.55 -20.91 17.10
N PRO A 204 -14.56 -20.70 16.23
CA PRO A 204 -13.54 -21.75 16.08
C PRO A 204 -12.89 -21.89 17.46
N PRO A 205 -12.57 -23.13 17.87
CA PRO A 205 -11.94 -23.39 19.17
C PRO A 205 -10.95 -22.33 19.67
N LEU A 206 -9.94 -22.02 18.87
CA LEU A 206 -8.92 -21.05 19.26
C LEU A 206 -9.49 -19.67 19.63
N ALA A 207 -10.34 -19.12 18.78
CA ALA A 207 -10.91 -17.80 19.04
C ALA A 207 -11.60 -17.71 20.41
N ARG A 208 -12.08 -18.86 20.90
CA ARG A 208 -12.76 -18.91 22.20
C ARG A 208 -11.84 -18.47 23.34
N LEU A 209 -10.53 -18.63 23.14
CA LEU A 209 -9.55 -18.29 24.17
C LEU A 209 -9.02 -16.86 24.04
N SER A 210 -9.70 -16.03 23.25
CA SER A 210 -9.29 -14.65 23.05
C SER A 210 -9.41 -13.84 24.33
N PRO A 211 -8.46 -12.91 24.55
CA PRO A 211 -8.47 -12.07 25.74
C PRO A 211 -9.53 -10.97 25.61
N PRO A 212 -9.83 -10.28 26.72
CA PRO A 212 -10.84 -9.21 26.67
C PRO A 212 -10.46 -8.14 25.66
N GLY A 213 -11.45 -7.61 24.94
CA GLY A 213 -11.18 -6.59 23.96
C GLY A 213 -10.97 -7.09 22.54
N ALA A 214 -10.81 -8.39 22.38
CA ALA A 214 -10.63 -8.97 21.05
C ALA A 214 -11.91 -8.80 20.25
N VAL A 215 -11.76 -8.55 18.96
CA VAL A 215 -12.91 -8.36 18.07
C VAL A 215 -13.05 -9.51 17.08
N PHE A 216 -14.20 -10.18 17.07
CA PHE A 216 -14.40 -11.26 16.11
C PHE A 216 -15.40 -10.81 15.04
N GLU A 217 -15.05 -11.05 13.77
CA GLU A 217 -15.91 -10.65 12.67
C GLU A 217 -16.47 -11.85 11.91
N TRP A 218 -17.74 -11.74 11.51
CA TRP A 218 -18.42 -12.79 10.78
C TRP A 218 -19.55 -12.24 9.92
N ARG A 219 -20.01 -13.06 8.99
CA ARG A 219 -21.13 -12.72 8.12
C ARG A 219 -22.03 -13.96 8.05
N PRO A 220 -23.36 -13.77 7.97
CA PRO A 220 -24.24 -14.94 7.89
C PRO A 220 -23.84 -15.71 6.63
N ASP A 221 -24.01 -17.03 6.65
CA ASP A 221 -23.63 -17.86 5.51
C ASP A 221 -24.67 -17.96 4.39
N THR A 222 -25.65 -17.08 4.40
CA THR A 222 -26.71 -17.11 3.40
C THR A 222 -26.24 -17.16 1.94
N GLU A 223 -25.45 -16.17 1.52
CA GLU A 223 -24.98 -16.10 0.15
C GLU A 223 -24.11 -17.28 -0.26
N ILE A 224 -23.11 -17.61 0.55
CA ILE A 224 -22.23 -18.71 0.20
C ILE A 224 -22.98 -20.05 0.17
N LEU A 225 -23.97 -20.23 1.04
CA LEU A 225 -24.75 -21.48 1.03
C LEU A 225 -25.53 -21.62 -0.28
N LYS A 226 -26.05 -20.49 -0.79
CA LYS A 226 -26.80 -20.51 -2.04
C LYS A 226 -25.87 -20.86 -3.20
N ILE A 227 -24.71 -20.21 -3.24
CA ILE A 227 -23.75 -20.47 -4.32
C ILE A 227 -23.26 -21.91 -4.24
N ALA A 228 -22.89 -22.35 -3.04
CA ALA A 228 -22.41 -23.70 -2.86
C ALA A 228 -23.47 -24.75 -3.16
N SER A 229 -24.74 -24.45 -2.86
CA SER A 229 -25.83 -25.39 -3.13
C SER A 229 -26.00 -25.59 -4.63
N ARG A 230 -26.02 -24.49 -5.37
CA ARG A 230 -26.18 -24.54 -6.82
C ARG A 230 -25.15 -25.45 -7.51
N VAL A 231 -23.85 -25.21 -7.29
CA VAL A 231 -22.84 -26.04 -7.96
C VAL A 231 -22.87 -27.49 -7.48
N ARG A 232 -23.24 -27.70 -6.21
CA ARG A 232 -23.33 -29.04 -5.67
C ARG A 232 -24.44 -29.79 -6.40
N ASP A 233 -25.59 -29.13 -6.54
CA ASP A 233 -26.75 -29.73 -7.20
C ASP A 233 -26.70 -29.76 -8.72
N GLN A 234 -26.34 -28.64 -9.35
CA GLN A 234 -26.30 -28.55 -10.80
C GLN A 234 -24.96 -28.74 -11.51
N GLY A 235 -23.86 -28.66 -10.77
CA GLY A 235 -22.55 -28.84 -11.39
C GLY A 235 -21.74 -27.58 -11.65
N GLY A 236 -20.45 -27.78 -11.86
CA GLY A 236 -19.56 -26.66 -12.12
C GLY A 236 -18.82 -26.18 -10.88
N ALA A 237 -18.44 -24.91 -10.88
CA ALA A 237 -17.72 -24.34 -9.75
C ALA A 237 -17.82 -22.82 -9.70
N ALA A 238 -17.57 -22.28 -8.52
CA ALA A 238 -17.60 -20.85 -8.31
C ALA A 238 -16.19 -20.38 -7.95
N LEU A 239 -15.84 -19.17 -8.39
CA LEU A 239 -14.54 -18.59 -8.10
C LEU A 239 -14.81 -17.31 -7.33
N ILE A 240 -14.33 -17.27 -6.09
CA ILE A 240 -14.53 -16.10 -5.24
C ILE A 240 -13.20 -15.39 -4.97
N ILE A 241 -13.14 -14.12 -5.36
CA ILE A 241 -11.94 -13.30 -5.19
C ILE A 241 -12.26 -12.06 -4.36
N ASP A 242 -11.48 -11.84 -3.31
CA ASP A 242 -11.70 -10.69 -2.44
C ASP A 242 -10.55 -10.43 -1.48
N TYR A 243 -10.61 -9.28 -0.82
CA TYR A 243 -9.60 -8.88 0.16
C TYR A 243 -9.97 -9.68 1.41
N GLY A 244 -9.02 -10.40 1.99
CA GLY A 244 -9.31 -11.17 3.19
C GLY A 244 -8.17 -12.02 3.72
N HIS A 245 -8.49 -12.90 4.66
CA HIS A 245 -7.50 -13.77 5.29
C HIS A 245 -7.83 -15.24 5.13
N LEU A 246 -6.81 -16.09 5.27
CA LEU A 246 -6.94 -17.54 5.11
C LEU A 246 -7.44 -18.31 6.32
N ARG A 247 -7.16 -17.82 7.52
CA ARG A 247 -7.59 -18.50 8.74
C ARG A 247 -8.42 -17.60 9.65
N SER A 248 -9.52 -18.13 10.17
CA SER A 248 -10.38 -17.34 11.06
C SER A 248 -9.52 -16.82 12.20
N ASP A 249 -9.71 -15.56 12.56
CA ASP A 249 -8.91 -14.97 13.63
C ASP A 249 -9.63 -13.74 14.17
N VAL A 250 -8.94 -12.96 14.98
CA VAL A 250 -9.56 -11.75 15.53
C VAL A 250 -8.95 -10.48 14.95
N GLY A 251 -9.67 -9.36 15.13
CA GLY A 251 -9.20 -8.08 14.63
C GLY A 251 -10.28 -7.32 13.89
N ASP A 252 -10.28 -6.00 14.06
CA ASP A 252 -11.26 -5.15 13.41
C ASP A 252 -10.70 -4.74 12.04
N THR A 253 -11.46 -5.02 10.98
CA THR A 253 -11.03 -4.68 9.62
C THR A 253 -12.08 -3.83 8.87
N PHE A 254 -13.05 -3.31 9.63
CA PHE A 254 -14.13 -2.49 9.09
C PHE A 254 -13.57 -1.09 8.76
N GLN A 255 -13.52 -0.76 7.47
CA GLN A 255 -13.00 0.53 7.03
C GLN A 255 -13.71 1.09 5.80
N ALA A 256 -13.61 2.40 5.63
CA ALA A 256 -14.18 3.06 4.46
C ALA A 256 -13.02 3.07 3.47
N ILE A 257 -13.32 3.00 2.18
CA ILE A 257 -12.26 2.99 1.17
C ILE A 257 -12.30 4.25 0.33
N ALA A 258 -11.22 5.03 0.38
CA ALA A 258 -11.13 6.25 -0.41
C ALA A 258 -10.33 5.93 -1.69
N SER A 259 -10.21 6.91 -2.59
CA SER A 259 -9.49 6.70 -3.84
C SER A 259 -8.01 6.36 -3.71
N HIS A 260 -7.34 6.89 -2.68
CA HIS A 260 -5.91 6.62 -2.53
C HIS A 260 -5.48 6.31 -1.09
N SER A 261 -6.43 5.83 -0.29
CA SER A 261 -6.17 5.51 1.10
C SER A 261 -7.42 4.93 1.75
N TYR A 262 -7.29 4.51 3.01
CA TYR A 262 -8.41 3.99 3.78
C TYR A 262 -8.90 5.13 4.65
N ALA A 263 -10.16 5.08 5.07
CA ALA A 263 -10.71 6.14 5.91
C ALA A 263 -11.54 5.61 7.07
N ASP A 264 -11.98 6.53 7.93
CA ASP A 264 -12.79 6.21 9.10
C ASP A 264 -14.17 5.81 8.61
N PRO A 265 -14.65 4.60 8.97
CA PRO A 265 -15.97 4.15 8.53
C PRO A 265 -17.18 4.93 9.06
N LEU A 266 -16.99 5.67 10.15
CA LEU A 266 -18.08 6.44 10.73
C LEU A 266 -18.23 7.84 10.15
N GLN A 267 -17.35 8.22 9.23
CA GLN A 267 -17.41 9.55 8.63
C GLN A 267 -18.18 9.54 7.30
N HIS A 268 -19.00 10.58 7.10
CA HIS A 268 -19.78 10.71 5.87
C HIS A 268 -20.58 9.48 5.49
N PRO A 269 -21.52 9.06 6.35
CA PRO A 269 -22.33 7.88 6.07
C PRO A 269 -23.10 8.03 4.75
N GLY A 270 -23.06 7.01 3.91
CA GLY A 270 -23.76 7.07 2.64
C GLY A 270 -22.95 7.64 1.49
N ARG A 271 -21.83 8.29 1.80
CA ARG A 271 -20.98 8.86 0.76
C ARG A 271 -19.63 8.16 0.68
N ALA A 272 -19.48 7.06 1.41
CA ALA A 272 -18.22 6.34 1.41
C ALA A 272 -18.42 4.86 1.17
N ASP A 273 -17.50 4.28 0.41
CA ASP A 273 -17.54 2.85 0.11
C ASP A 273 -16.96 2.16 1.33
N LEU A 274 -17.71 1.20 1.90
CA LEU A 274 -17.26 0.50 3.10
C LEU A 274 -16.89 -0.95 2.82
N THR A 275 -15.96 -1.50 3.61
CA THR A 275 -15.54 -2.88 3.45
C THR A 275 -15.05 -3.51 4.75
N ALA A 276 -14.83 -4.82 4.70
CA ALA A 276 -14.30 -5.60 5.82
C ALA A 276 -13.76 -6.88 5.21
N HIS A 277 -12.66 -7.39 5.78
CA HIS A 277 -12.07 -8.63 5.28
C HIS A 277 -13.08 -9.74 5.16
N VAL A 278 -12.87 -10.57 4.14
CA VAL A 278 -13.69 -11.75 3.92
C VAL A 278 -12.94 -12.88 4.62
N ASP A 279 -13.65 -13.65 5.44
CA ASP A 279 -13.04 -14.79 6.16
C ASP A 279 -13.11 -15.97 5.18
N PHE A 280 -12.01 -16.26 4.48
CA PHE A 280 -12.00 -17.35 3.52
C PHE A 280 -12.06 -18.73 4.19
N ASP A 281 -11.72 -18.78 5.47
CA ASP A 281 -11.75 -20.02 6.27
C ASP A 281 -13.24 -20.32 6.49
N ALA A 282 -14.01 -19.30 6.87
CA ALA A 282 -15.45 -19.47 7.10
C ALA A 282 -16.18 -19.82 5.80
N LEU A 283 -15.74 -19.25 4.67
CA LEU A 283 -16.36 -19.55 3.37
C LEU A 283 -16.17 -21.04 3.04
N GLY A 284 -14.94 -21.52 3.20
CA GLY A 284 -14.64 -22.92 2.91
C GLY A 284 -15.42 -23.88 3.80
N ARG A 285 -15.54 -23.54 5.08
CA ARG A 285 -16.27 -24.37 6.04
C ARG A 285 -17.76 -24.45 5.68
N ALA A 286 -18.35 -23.32 5.35
CA ALA A 286 -19.77 -23.30 5.00
C ALA A 286 -20.01 -24.17 3.78
N ALA A 287 -19.12 -24.07 2.79
CA ALA A 287 -19.24 -24.87 1.58
C ALA A 287 -19.21 -26.36 1.91
N GLU A 288 -18.20 -26.77 2.65
CA GLU A 288 -18.05 -28.17 3.06
C GLU A 288 -19.21 -28.66 3.95
N SER A 289 -19.80 -27.78 4.76
CA SER A 289 -20.88 -28.17 5.67
C SER A 289 -22.11 -28.71 4.96
N ILE A 290 -22.31 -28.32 3.70
CA ILE A 290 -23.47 -28.80 2.97
C ILE A 290 -23.10 -29.73 1.80
N GLY A 291 -21.89 -30.26 1.81
CA GLY A 291 -21.51 -31.18 0.74
C GLY A 291 -20.74 -30.69 -0.48
N ALA A 292 -20.49 -29.39 -0.58
CA ALA A 292 -19.73 -28.85 -1.71
C ALA A 292 -18.23 -28.96 -1.39
N ARG A 293 -17.37 -28.88 -2.39
CA ARG A 293 -15.92 -29.01 -2.14
C ARG A 293 -15.16 -27.69 -2.31
N ALA A 294 -14.41 -27.32 -1.27
CA ALA A 294 -13.60 -26.12 -1.26
C ALA A 294 -12.21 -26.39 -1.85
N HIS A 295 -11.66 -25.42 -2.56
CA HIS A 295 -10.35 -25.53 -3.21
C HIS A 295 -9.50 -24.32 -2.87
N GLY A 296 -8.28 -24.56 -2.40
CA GLY A 296 -7.41 -23.47 -2.02
C GLY A 296 -7.64 -23.24 -0.54
N PRO A 297 -7.70 -21.98 -0.09
CA PRO A 297 -7.56 -20.75 -0.88
C PRO A 297 -6.09 -20.39 -1.10
N VAL A 298 -5.83 -19.46 -2.03
CA VAL A 298 -4.47 -19.02 -2.32
C VAL A 298 -4.49 -17.51 -2.53
N THR A 299 -3.31 -16.90 -2.60
CA THR A 299 -3.25 -15.46 -2.83
C THR A 299 -3.58 -15.18 -4.29
N GLN A 300 -4.09 -13.98 -4.57
CA GLN A 300 -4.41 -13.58 -5.93
C GLN A 300 -3.14 -13.64 -6.78
N GLY A 301 -2.02 -13.21 -6.21
CA GLY A 301 -0.77 -13.23 -6.92
C GLY A 301 -0.39 -14.62 -7.38
N ALA A 302 -0.46 -15.58 -6.46
CA ALA A 302 -0.12 -16.96 -6.82
C ALA A 302 -1.12 -17.52 -7.84
N PHE A 303 -2.41 -17.22 -7.65
CA PHE A 303 -3.43 -17.71 -8.57
C PHE A 303 -3.17 -17.26 -10.03
N LEU A 304 -3.00 -15.95 -10.22
CA LEU A 304 -2.78 -15.41 -11.57
C LEU A 304 -1.45 -15.81 -12.19
N LYS A 305 -0.41 -15.93 -11.37
CA LYS A 305 0.88 -16.34 -11.89
C LYS A 305 0.81 -17.79 -12.39
N ARG A 306 0.09 -18.63 -11.66
CA ARG A 306 -0.05 -20.03 -12.07
C ARG A 306 -0.87 -20.11 -13.37
N LEU A 307 -1.69 -19.10 -13.65
CA LEU A 307 -2.49 -19.08 -14.88
C LEU A 307 -1.69 -18.50 -16.05
N GLY A 308 -0.45 -18.10 -15.79
CA GLY A 308 0.40 -17.55 -16.84
C GLY A 308 0.31 -16.06 -17.13
N ILE A 309 -0.08 -15.25 -16.15
CA ILE A 309 -0.20 -13.81 -16.37
C ILE A 309 1.12 -13.12 -16.75
N GLU A 310 2.25 -13.62 -16.26
CA GLU A 310 3.54 -13.04 -16.61
C GLU A 310 3.86 -13.19 -18.11
N THR A 311 3.56 -14.35 -18.68
CA THR A 311 3.83 -14.58 -20.11
C THR A 311 2.89 -13.74 -20.97
N ARG A 312 1.62 -13.64 -20.57
CA ARG A 312 0.66 -12.84 -21.32
C ARG A 312 1.04 -11.37 -21.28
N ALA A 313 1.51 -10.90 -20.13
CA ALA A 313 1.92 -9.51 -19.97
C ALA A 313 3.11 -9.20 -20.90
N LEU A 314 4.10 -10.09 -20.91
CA LEU A 314 5.28 -9.93 -21.75
C LEU A 314 4.89 -9.84 -23.23
N SER A 315 3.96 -10.68 -23.66
CA SER A 315 3.52 -10.68 -25.05
C SER A 315 2.88 -9.36 -25.44
N LEU A 316 2.04 -8.82 -24.55
CA LEU A 316 1.36 -7.56 -24.81
C LEU A 316 2.34 -6.38 -24.80
N MSE A 317 3.34 -6.46 -23.91
CA MSE A 317 4.34 -5.40 -23.82
C MSE A 317 5.19 -5.34 -25.10
O MSE A 317 5.44 -4.27 -25.64
CB MSE A 317 5.24 -5.64 -22.59
CG MSE A 317 4.57 -5.38 -21.23
SE MSE A 317 5.67 -5.99 -19.75
CE MSE A 317 7.25 -4.89 -20.00
N ALA A 318 5.62 -6.51 -25.57
CA ALA A 318 6.45 -6.61 -26.76
C ALA A 318 5.80 -5.95 -27.99
N LYS A 319 4.48 -5.98 -28.06
CA LYS A 319 3.78 -5.41 -29.21
C LYS A 319 3.12 -4.05 -28.96
N ALA A 320 3.29 -3.49 -27.76
CA ALA A 320 2.68 -2.22 -27.43
C ALA A 320 3.59 -1.00 -27.58
N THR A 321 2.96 0.17 -27.63
CA THR A 321 3.69 1.44 -27.73
C THR A 321 4.40 1.58 -26.39
N PRO A 322 5.38 2.49 -26.30
CA PRO A 322 6.11 2.65 -25.04
C PRO A 322 5.25 2.92 -23.80
N GLN A 323 4.28 3.82 -23.92
CA GLN A 323 3.44 4.16 -22.77
C GLN A 323 2.52 3.01 -22.36
N VAL A 324 1.91 2.35 -23.34
CA VAL A 324 1.03 1.23 -23.06
C VAL A 324 1.82 0.09 -22.45
N SER A 325 3.03 -0.14 -22.95
CA SER A 325 3.89 -1.19 -22.43
C SER A 325 4.15 -0.92 -20.95
N GLU A 326 4.35 0.36 -20.62
CA GLU A 326 4.62 0.74 -19.24
C GLU A 326 3.34 0.54 -18.41
N ASP A 327 2.19 0.82 -19.00
CA ASP A 327 0.93 0.63 -18.29
C ASP A 327 0.70 -0.86 -17.99
N ILE A 328 1.07 -1.71 -18.92
CA ILE A 328 0.91 -3.15 -18.73
C ILE A 328 1.82 -3.66 -17.62
N ALA A 329 3.07 -3.20 -17.61
CA ALA A 329 4.04 -3.59 -16.59
C ALA A 329 3.55 -3.22 -15.18
N GLY A 330 2.97 -2.03 -15.04
CA GLY A 330 2.48 -1.60 -13.75
C GLY A 330 1.27 -2.41 -13.34
N ALA A 331 0.40 -2.70 -14.30
CA ALA A 331 -0.81 -3.48 -14.05
C ALA A 331 -0.45 -4.86 -13.51
N LEU A 332 0.59 -5.46 -14.10
CA LEU A 332 1.05 -6.78 -13.66
C LEU A 332 1.46 -6.75 -12.19
N GLN A 333 2.16 -5.70 -11.79
CA GLN A 333 2.60 -5.57 -10.40
C GLN A 333 1.42 -5.37 -9.45
N ARG A 334 0.52 -4.46 -9.79
CA ARG A 334 -0.66 -4.18 -8.96
C ARG A 334 -1.51 -5.43 -8.73
N LEU A 335 -1.59 -6.27 -9.75
CA LEU A 335 -2.37 -7.51 -9.68
C LEU A 335 -1.69 -8.65 -8.93
N THR A 336 -0.36 -8.75 -9.03
CA THR A 336 0.35 -9.88 -8.42
C THR A 336 1.44 -9.64 -7.40
N GLY A 337 1.86 -8.39 -7.20
CA GLY A 337 2.93 -8.16 -6.26
C GLY A 337 2.47 -7.71 -4.88
N GLU A 338 3.41 -7.25 -4.06
CA GLU A 338 3.08 -6.76 -2.72
C GLU A 338 3.87 -5.50 -2.39
N GLY A 339 3.23 -4.61 -1.64
CA GLY A 339 3.85 -3.34 -1.29
C GLY A 339 3.36 -2.23 -2.20
N ARG A 340 3.40 -0.99 -1.71
CA ARG A 340 2.98 0.17 -2.49
C ARG A 340 1.53 0.07 -2.97
N GLY A 341 0.69 -0.66 -2.24
CA GLY A 341 -0.69 -0.80 -2.65
C GLY A 341 -1.02 -1.97 -3.56
N ALA A 342 0.00 -2.76 -3.93
CA ALA A 342 -0.22 -3.91 -4.78
C ALA A 342 -1.09 -4.90 -4.02
N MSE A 343 -2.02 -5.54 -4.70
CA MSE A 343 -2.95 -6.46 -4.05
C MSE A 343 -2.72 -7.96 -4.20
O MSE A 343 -3.59 -8.76 -3.83
CB MSE A 343 -4.37 -6.12 -4.49
CG MSE A 343 -4.85 -4.75 -4.00
SE MSE A 343 -4.90 -4.59 -2.04
CE MSE A 343 -3.32 -3.51 -1.73
N GLY A 344 -1.55 -8.35 -4.72
CA GLY A 344 -1.27 -9.77 -4.92
C GLY A 344 -1.26 -10.66 -3.68
N SER A 345 -0.95 -10.08 -2.52
CA SER A 345 -0.91 -10.81 -1.26
C SER A 345 -2.17 -10.65 -0.41
N MSE A 346 -2.74 -9.44 -0.40
CA MSE A 346 -3.94 -9.18 0.40
C MSE A 346 -5.23 -9.77 -0.19
O MSE A 346 -6.14 -10.14 0.56
CB MSE A 346 -4.10 -7.67 0.62
CG MSE A 346 -2.95 -7.02 1.38
SE MSE A 346 -2.66 -7.70 3.20
CE MSE A 346 -1.35 -9.07 2.84
N PHE A 347 -5.36 -9.82 -1.51
CA PHE A 347 -6.54 -10.44 -2.10
C PHE A 347 -6.29 -11.94 -2.12
N LYS A 348 -7.35 -12.72 -1.89
CA LYS A 348 -7.25 -14.17 -1.88
C LYS A 348 -8.28 -14.75 -2.85
N VAL A 349 -8.09 -16.01 -3.21
CA VAL A 349 -8.95 -16.71 -4.14
C VAL A 349 -9.33 -18.07 -3.58
N ILE A 350 -10.61 -18.41 -3.69
CA ILE A 350 -11.07 -19.73 -3.24
C ILE A 350 -12.07 -20.26 -4.25
N GLY A 351 -12.01 -21.57 -4.51
CA GLY A 351 -12.95 -22.17 -5.43
C GLY A 351 -13.87 -23.09 -4.66
N VAL A 352 -15.12 -23.20 -5.11
CA VAL A 352 -16.09 -24.09 -4.48
C VAL A 352 -16.74 -24.83 -5.61
N SER A 353 -16.73 -26.16 -5.56
CA SER A 353 -17.29 -26.92 -6.64
C SER A 353 -18.19 -28.09 -6.29
N ASP A 354 -18.68 -28.70 -7.37
CA ASP A 354 -19.49 -29.90 -7.33
C ASP A 354 -18.51 -30.88 -6.69
N PRO A 355 -18.93 -31.64 -5.67
CA PRO A 355 -17.98 -32.59 -5.07
C PRO A 355 -17.34 -33.56 -6.05
N LYS A 356 -18.00 -33.80 -7.19
CA LYS A 356 -17.48 -34.71 -8.20
C LYS A 356 -16.15 -34.18 -8.76
N ILE A 357 -16.00 -32.86 -8.78
CA ILE A 357 -14.75 -32.24 -9.27
C ILE A 357 -13.77 -32.27 -8.11
N GLU A 358 -12.70 -33.05 -8.25
CA GLU A 358 -11.72 -33.19 -7.19
C GLU A 358 -10.65 -32.12 -7.08
N THR A 359 -10.32 -31.47 -8.20
CA THR A 359 -9.32 -30.42 -8.19
C THR A 359 -9.66 -29.32 -9.17
N LEU A 360 -9.18 -28.11 -8.88
CA LEU A 360 -9.39 -26.98 -9.76
C LEU A 360 -8.02 -26.39 -10.06
N VAL A 361 -7.82 -25.99 -11.30
CA VAL A 361 -6.55 -25.42 -11.75
C VAL A 361 -6.11 -24.18 -10.95
N ALA A 362 -4.84 -24.20 -10.54
CA ALA A 362 -4.23 -23.10 -9.79
C ALA A 362 -4.70 -22.96 -8.34
N LEU A 363 -5.55 -23.88 -7.90
CA LEU A 363 -6.07 -23.86 -6.53
C LEU A 363 -5.77 -25.12 -5.73
N SER A 364 -6.02 -26.28 -6.34
CA SER A 364 -5.80 -27.55 -5.66
C SER A 364 -5.13 -28.58 -6.55
N ASP A 365 -4.54 -28.13 -7.66
CA ASP A 365 -3.88 -29.04 -8.60
C ASP A 365 -2.39 -29.19 -8.30
N ASP A 366 -2.04 -29.13 -7.01
CA ASP A 366 -0.65 -29.26 -6.60
C ASP A 366 -0.10 -30.66 -6.90
N ILE B 2 25.03 -16.28 -18.16
CA ILE B 2 23.60 -16.37 -17.75
C ILE B 2 23.27 -15.30 -16.71
N ASP B 3 24.29 -14.54 -16.31
CA ASP B 3 24.13 -13.48 -15.31
C ASP B 3 23.15 -12.39 -15.77
N GLN B 4 22.29 -11.98 -14.84
CA GLN B 4 21.28 -10.95 -15.11
C GLN B 4 21.81 -9.61 -15.59
N THR B 5 22.95 -9.18 -15.05
CA THR B 5 23.54 -7.90 -15.44
C THR B 5 25.05 -7.97 -15.41
N ALA B 6 25.70 -6.94 -15.94
CA ALA B 6 27.15 -6.88 -15.96
C ALA B 6 27.68 -6.72 -14.55
N LEU B 7 26.93 -5.98 -13.73
CA LEU B 7 27.32 -5.77 -12.34
C LEU B 7 27.29 -7.11 -11.60
N ALA B 8 26.27 -7.91 -11.89
CA ALA B 8 26.13 -9.22 -11.26
C ALA B 8 27.40 -10.02 -11.49
N THR B 9 27.91 -9.95 -12.73
CA THR B 9 29.13 -10.65 -13.10
C THR B 9 30.29 -10.13 -12.26
N GLU B 10 30.41 -8.82 -12.19
CA GLU B 10 31.47 -8.18 -11.41
C GLU B 10 31.39 -8.59 -9.94
N ILE B 11 30.18 -8.66 -9.41
CA ILE B 11 29.99 -9.04 -8.01
C ILE B 11 30.45 -10.47 -7.77
N LYS B 12 30.18 -11.34 -8.73
CA LYS B 12 30.59 -12.74 -8.65
C LYS B 12 32.11 -12.84 -8.52
N ARG B 13 32.80 -12.14 -9.41
CA ARG B 13 34.25 -12.13 -9.42
C ARG B 13 34.79 -11.65 -8.07
N LEU B 14 34.28 -10.52 -7.62
CA LEU B 14 34.71 -9.95 -6.35
C LEU B 14 34.48 -10.90 -5.17
N ILE B 15 33.40 -11.67 -5.24
CA ILE B 15 33.10 -12.63 -4.17
C ILE B 15 34.08 -13.79 -4.19
N LYS B 16 34.36 -14.30 -5.39
CA LYS B 16 35.29 -15.42 -5.51
C LYS B 16 36.70 -14.97 -5.11
N ALA B 17 37.01 -13.71 -5.37
CA ALA B 17 38.32 -13.14 -5.08
C ALA B 17 38.54 -12.63 -3.66
N ALA B 18 37.52 -12.02 -3.06
CA ALA B 18 37.66 -11.47 -1.71
C ALA B 18 36.88 -12.18 -0.62
N GLY B 19 35.98 -13.07 -1.02
CA GLY B 19 35.18 -13.78 -0.04
C GLY B 19 33.79 -13.16 0.05
N PRO B 20 32.92 -13.68 0.93
CA PRO B 20 31.56 -13.14 1.08
C PRO B 20 31.53 -11.61 1.17
N MSE B 21 30.60 -11.00 0.44
CA MSE B 21 30.46 -9.55 0.39
C MSE B 21 29.41 -9.04 1.38
O MSE B 21 28.24 -9.45 1.33
CB MSE B 21 30.08 -9.13 -1.03
CG MSE B 21 29.97 -7.64 -1.21
SE MSE B 21 29.33 -7.16 -2.97
CE MSE B 21 30.92 -7.57 -4.02
N PRO B 22 29.80 -8.12 2.27
CA PRO B 22 28.85 -7.57 3.26
C PRO B 22 27.64 -6.95 2.56
N VAL B 23 26.46 -7.08 3.16
CA VAL B 23 25.26 -6.52 2.58
C VAL B 23 25.42 -5.04 2.21
N TRP B 24 26.03 -4.26 3.09
CA TRP B 24 26.21 -2.83 2.79
C TRP B 24 27.04 -2.57 1.53
N ARG B 25 28.05 -3.40 1.30
CA ARG B 25 28.92 -3.25 0.13
C ARG B 25 28.17 -3.60 -1.16
N TYR B 26 27.31 -4.61 -1.10
CA TYR B 26 26.51 -5.02 -2.24
C TYR B 26 25.55 -3.91 -2.64
N MSE B 27 24.92 -3.26 -1.66
CA MSE B 27 23.98 -2.18 -1.95
C MSE B 27 24.74 -0.99 -2.52
O MSE B 27 24.29 -0.36 -3.48
CB MSE B 27 23.20 -1.77 -0.69
CG MSE B 27 22.06 -0.76 -0.96
SE MSE B 27 20.91 -0.41 0.61
CE MSE B 27 20.45 1.44 0.25
N GLU B 28 25.89 -0.69 -1.93
CA GLU B 28 26.72 0.42 -2.37
C GLU B 28 27.07 0.25 -3.85
N LEU B 29 27.44 -0.97 -4.23
CA LEU B 29 27.78 -1.26 -5.62
C LEU B 29 26.58 -1.21 -6.55
N CYS B 30 25.46 -1.79 -6.13
CA CYS B 30 24.25 -1.79 -6.95
C CYS B 30 23.79 -0.39 -7.30
N LEU B 31 23.97 0.54 -6.36
CA LEU B 31 23.54 1.91 -6.59
C LEU B 31 24.56 2.85 -7.21
N GLY B 32 25.82 2.77 -6.77
CA GLY B 32 26.81 3.70 -7.29
C GLY B 32 27.97 3.26 -8.15
N HIS B 33 27.94 2.04 -8.70
CA HIS B 33 29.05 1.62 -9.54
C HIS B 33 29.19 2.60 -10.71
N PRO B 34 30.41 3.13 -10.92
CA PRO B 34 30.72 4.09 -11.98
C PRO B 34 30.12 3.79 -13.36
N GLU B 35 30.13 2.52 -13.76
CA GLU B 35 29.61 2.16 -15.08
C GLU B 35 28.38 1.26 -15.04
N HIS B 36 28.14 0.61 -13.91
CA HIS B 36 27.00 -0.30 -13.80
C HIS B 36 26.02 0.00 -12.67
N GLY B 37 26.26 1.08 -11.94
CA GLY B 37 25.38 1.43 -10.83
C GLY B 37 23.97 1.78 -11.29
N TYR B 38 23.06 1.94 -10.34
CA TYR B 38 21.68 2.29 -10.65
C TYR B 38 21.55 3.77 -11.00
N TYR B 39 22.12 4.62 -10.14
CA TYR B 39 22.05 6.06 -10.35
C TYR B 39 22.88 6.53 -11.55
N VAL B 40 23.65 5.62 -12.11
CA VAL B 40 24.47 5.92 -13.28
C VAL B 40 23.87 5.14 -14.43
N THR B 41 22.98 4.22 -14.10
CA THR B 41 22.30 3.37 -15.07
C THR B 41 23.30 2.70 -16.00
N PHE B 51 9.03 9.47 -10.19
CA PHE B 51 7.92 10.40 -10.00
C PHE B 51 7.05 10.00 -8.81
N THR B 52 7.60 9.17 -7.94
CA THR B 52 6.86 8.72 -6.76
C THR B 52 7.26 9.51 -5.51
N THR B 53 8.23 10.42 -5.66
CA THR B 53 8.66 11.24 -4.54
C THR B 53 7.57 12.27 -4.24
N SER B 54 7.51 12.75 -3.00
CA SER B 54 6.50 13.72 -2.61
C SER B 54 6.45 14.99 -3.46
N PRO B 55 7.61 15.62 -3.74
CA PRO B 55 7.56 16.84 -4.55
C PRO B 55 7.04 16.65 -5.98
N GLU B 56 7.23 15.46 -6.54
CA GLU B 56 6.75 15.21 -7.89
C GLU B 56 5.25 14.88 -7.84
N ILE B 57 4.78 14.44 -6.68
CA ILE B 57 3.37 14.12 -6.52
C ILE B 57 2.54 15.39 -6.39
N SER B 58 3.10 16.40 -5.73
CA SER B 58 2.38 17.66 -5.57
C SER B 58 3.26 18.87 -5.27
N GLN B 59 2.87 20.01 -5.83
CA GLN B 59 3.55 21.27 -5.65
C GLN B 59 3.43 21.67 -4.18
N MSE B 60 2.41 21.14 -3.51
CA MSE B 60 2.14 21.44 -2.11
C MSE B 60 3.25 21.06 -1.14
O MSE B 60 3.47 21.74 -0.14
CB MSE B 60 0.83 20.77 -1.65
CG MSE B 60 -0.42 21.16 -2.42
SE MSE B 60 -2.03 20.52 -1.52
CE MSE B 60 -1.92 18.64 -1.94
N PHE B 61 3.95 19.97 -1.43
CA PHE B 61 5.04 19.51 -0.57
C PHE B 61 6.13 20.58 -0.46
N GLY B 62 6.65 21.00 -1.61
CA GLY B 62 7.69 22.00 -1.65
C GLY B 62 7.25 23.33 -1.07
N GLU B 63 6.02 23.73 -1.35
CA GLU B 63 5.50 25.00 -0.83
C GLU B 63 5.49 25.01 0.69
N LEU B 64 4.97 23.94 1.29
CA LEU B 64 4.87 23.86 2.74
C LEU B 64 6.23 23.81 3.43
N LEU B 65 7.21 23.16 2.82
CA LEU B 65 8.55 23.12 3.42
C LEU B 65 9.16 24.51 3.27
N GLY B 66 8.72 25.24 2.24
CA GLY B 66 9.21 26.59 2.05
C GLY B 66 8.73 27.44 3.20
N LEU B 67 7.46 27.27 3.55
CA LEU B 67 6.88 28.03 4.66
C LEU B 67 7.41 27.55 6.01
N TRP B 68 7.75 26.26 6.12
CA TRP B 68 8.31 25.75 7.37
C TRP B 68 9.68 26.42 7.55
N SER B 69 10.41 26.54 6.45
CA SER B 69 11.74 27.17 6.46
C SER B 69 11.65 28.60 7.00
N ALA B 70 10.56 29.29 6.69
CA ALA B 70 10.37 30.65 7.17
C ALA B 70 10.25 30.63 8.70
N SER B 71 9.57 29.62 9.24
CA SER B 71 9.40 29.51 10.70
C SER B 71 10.76 29.29 11.38
N VAL B 72 11.63 28.53 10.72
CA VAL B 72 12.95 28.27 11.27
C VAL B 72 13.75 29.57 11.26
N TRP B 73 13.60 30.34 10.19
CA TRP B 73 14.29 31.62 10.04
C TRP B 73 13.96 32.51 11.25
N LYS B 74 12.69 32.54 11.64
CA LYS B 74 12.29 33.35 12.79
C LYS B 74 12.87 32.78 14.08
N ALA B 75 12.90 31.45 14.20
CA ALA B 75 13.44 30.81 15.39
C ALA B 75 14.95 31.05 15.51
N ALA B 76 15.62 31.30 14.38
CA ALA B 76 17.06 31.54 14.38
C ALA B 76 17.37 33.03 14.48
N ASP B 77 16.38 33.81 14.90
CA ASP B 77 16.50 35.27 15.05
C ASP B 77 16.69 36.02 13.73
N GLU B 78 15.98 35.58 12.70
CA GLU B 78 16.01 36.21 11.37
C GLU B 78 17.38 36.64 10.84
N PRO B 79 18.28 35.68 10.57
CA PRO B 79 19.61 36.03 10.05
C PRO B 79 19.50 36.73 8.68
N GLN B 80 20.34 37.73 8.46
CA GLN B 80 20.31 38.49 7.20
C GLN B 80 20.65 37.64 6.00
N THR B 81 21.33 36.52 6.24
CA THR B 81 21.66 35.59 5.19
C THR B 81 21.30 34.20 5.69
N LEU B 82 20.39 33.55 4.98
CA LEU B 82 19.97 32.21 5.35
C LEU B 82 20.31 31.28 4.19
N ARG B 83 21.18 30.31 4.46
CA ARG B 83 21.56 29.35 3.45
C ARG B 83 20.42 28.35 3.40
N LEU B 84 19.91 28.07 2.20
CA LEU B 84 18.84 27.11 2.03
C LEU B 84 19.49 25.97 1.26
N ILE B 85 19.88 24.94 2.01
CA ILE B 85 20.58 23.79 1.44
C ILE B 85 19.71 22.56 1.24
N GLU B 86 19.78 21.98 0.05
CA GLU B 86 19.05 20.77 -0.21
C GLU B 86 20.03 19.68 -0.66
N ILE B 87 19.97 18.54 0.03
CA ILE B 87 20.81 17.40 -0.29
C ILE B 87 19.99 16.50 -1.19
N GLY B 88 20.44 16.33 -2.43
CA GLY B 88 19.73 15.48 -3.37
C GLY B 88 18.47 16.15 -3.92
N PRO B 89 18.62 17.27 -4.64
CA PRO B 89 17.47 17.98 -5.20
C PRO B 89 16.72 17.29 -6.35
N GLY B 90 17.17 16.09 -6.73
CA GLY B 90 16.50 15.38 -7.81
C GLY B 90 16.41 16.21 -9.07
N ARG B 91 15.20 16.58 -9.47
CA ARG B 91 15.00 17.41 -10.67
C ARG B 91 14.99 18.90 -10.33
N GLY B 92 14.94 19.20 -9.03
CA GLY B 92 14.92 20.58 -8.59
C GLY B 92 13.49 21.09 -8.42
N THR B 93 12.54 20.20 -8.63
CA THR B 93 11.11 20.55 -8.51
C THR B 93 10.74 21.02 -7.10
N MSE B 94 11.22 20.32 -6.08
CA MSE B 94 10.91 20.68 -4.69
C MSE B 94 11.38 22.09 -4.37
O MSE B 94 10.65 22.86 -3.74
CB MSE B 94 11.55 19.68 -3.72
CG MSE B 94 11.12 19.87 -2.27
SE MSE B 94 11.89 18.57 -1.03
CE MSE B 94 13.30 19.67 -0.29
N MSE B 95 12.58 22.43 -4.80
CA MSE B 95 13.15 23.76 -4.53
C MSE B 95 12.41 24.87 -5.29
O MSE B 95 12.28 25.98 -4.80
CB MSE B 95 14.64 23.76 -4.90
CG MSE B 95 15.39 25.04 -4.56
SE MSE B 95 15.26 25.57 -2.69
CE MSE B 95 16.09 24.02 -1.88
N ALA B 96 11.90 24.55 -6.48
CA ALA B 96 11.17 25.54 -7.26
C ALA B 96 9.85 25.89 -6.56
N ASP B 97 9.21 24.89 -5.99
CA ASP B 97 7.95 25.12 -5.30
C ASP B 97 8.18 25.87 -3.98
N ALA B 98 9.25 25.52 -3.28
CA ALA B 98 9.58 26.16 -2.02
C ALA B 98 9.85 27.65 -2.23
N LEU B 99 10.66 27.95 -3.25
CA LEU B 99 11.02 29.32 -3.59
C LEU B 99 9.79 30.14 -4.03
N ARG B 100 8.88 29.50 -4.75
CA ARG B 100 7.68 30.20 -5.18
C ARG B 100 6.84 30.63 -3.97
N ALA B 101 6.78 29.77 -2.95
CA ALA B 101 6.01 30.11 -1.75
C ALA B 101 6.71 31.21 -0.94
N LEU B 102 8.05 31.14 -0.89
CA LEU B 102 8.85 32.11 -0.16
C LEU B 102 8.86 33.49 -0.84
N ARG B 103 8.65 33.50 -2.15
CA ARG B 103 8.63 34.74 -2.93
C ARG B 103 7.57 35.72 -2.39
N VAL B 104 6.54 35.17 -1.75
CA VAL B 104 5.46 35.97 -1.19
C VAL B 104 5.90 36.81 0.02
N LEU B 105 7.08 36.51 0.54
CA LEU B 105 7.64 37.21 1.70
C LEU B 105 8.95 37.90 1.25
N PRO B 106 8.84 39.10 0.65
CA PRO B 106 10.00 39.86 0.16
C PRO B 106 11.27 39.97 1.02
N ILE B 107 11.14 40.37 2.28
CA ILE B 107 12.29 40.51 3.16
C ILE B 107 13.11 39.23 3.27
N LEU B 108 12.43 38.12 3.58
CA LEU B 108 13.09 36.82 3.72
C LEU B 108 13.63 36.31 2.40
N TYR B 109 12.85 36.49 1.33
CA TYR B 109 13.26 36.04 0.01
C TYR B 109 14.60 36.64 -0.44
N GLN B 110 14.85 37.89 -0.07
CA GLN B 110 16.09 38.58 -0.43
C GLN B 110 17.22 38.16 0.50
N SER B 111 16.88 37.50 1.60
CA SER B 111 17.87 37.05 2.57
C SER B 111 18.38 35.65 2.24
N LEU B 112 17.77 35.03 1.23
CA LEU B 112 18.11 33.66 0.82
C LEU B 112 19.31 33.51 -0.11
N SER B 113 20.01 32.39 0.07
CA SER B 113 21.14 32.01 -0.75
C SER B 113 20.92 30.51 -0.91
N VAL B 114 20.51 30.10 -2.10
CA VAL B 114 20.21 28.70 -2.38
C VAL B 114 21.45 27.87 -2.69
N HIS B 115 21.53 26.69 -2.08
CA HIS B 115 22.67 25.81 -2.30
C HIS B 115 22.24 24.37 -2.48
N LEU B 116 22.40 23.86 -3.70
CA LEU B 116 22.02 22.49 -3.99
C LEU B 116 23.27 21.62 -4.08
N VAL B 117 23.22 20.47 -3.42
CA VAL B 117 24.31 19.53 -3.43
C VAL B 117 23.92 18.43 -4.39
N GLU B 118 24.62 18.37 -5.52
CA GLU B 118 24.33 17.38 -6.54
C GLU B 118 25.63 16.85 -7.14
N ILE B 119 25.86 15.56 -6.99
CA ILE B 119 27.06 14.93 -7.51
C ILE B 119 26.92 14.59 -9.00
N ASN B 120 25.71 14.18 -9.40
CA ASN B 120 25.45 13.82 -10.80
C ASN B 120 25.47 15.08 -11.66
N PRO B 121 26.02 14.98 -12.88
CA PRO B 121 26.11 16.11 -13.80
C PRO B 121 24.83 16.45 -14.59
N VAL B 122 24.26 15.46 -15.27
CA VAL B 122 23.05 15.70 -16.04
C VAL B 122 21.87 16.08 -15.14
N LEU B 123 21.86 15.53 -13.94
CA LEU B 123 20.81 15.80 -12.98
C LEU B 123 20.98 17.25 -12.52
N ARG B 124 22.25 17.67 -12.41
CA ARG B 124 22.57 19.03 -11.99
C ARG B 124 22.14 20.01 -13.07
N GLN B 125 22.21 19.56 -14.33
CA GLN B 125 21.84 20.38 -15.48
C GLN B 125 20.33 20.62 -15.56
N LYS B 126 19.54 19.60 -15.27
CA LYS B 126 18.09 19.73 -15.32
C LYS B 126 17.67 20.79 -14.30
N GLN B 127 18.28 20.71 -13.11
CA GLN B 127 17.99 21.66 -12.05
C GLN B 127 18.35 23.08 -12.46
N GLN B 128 19.47 23.22 -13.19
CA GLN B 128 19.92 24.53 -13.64
C GLN B 128 18.96 25.16 -14.65
N THR B 129 18.38 24.35 -15.52
CA THR B 129 17.45 24.85 -16.52
C THR B 129 16.14 25.31 -15.86
N LEU B 130 15.67 24.51 -14.92
CA LEU B 130 14.42 24.80 -14.22
C LEU B 130 14.50 26.06 -13.36
N LEU B 131 15.64 26.27 -12.73
CA LEU B 131 15.84 27.42 -11.86
C LEU B 131 16.74 28.48 -12.48
N ALA B 132 16.97 28.37 -13.79
CA ALA B 132 17.82 29.31 -14.51
C ALA B 132 17.37 30.75 -14.32
N GLY B 133 16.10 30.95 -14.01
CA GLY B 133 15.58 32.29 -13.84
C GLY B 133 15.90 32.97 -12.52
N ILE B 134 16.14 32.19 -11.46
CA ILE B 134 16.44 32.78 -10.15
C ILE B 134 17.93 32.94 -9.85
N ARG B 135 18.28 34.07 -9.25
CA ARG B 135 19.67 34.34 -8.90
C ARG B 135 19.94 33.89 -7.48
N ASN B 136 21.21 33.92 -7.08
CA ASN B 136 21.61 33.51 -5.73
C ASN B 136 21.43 32.01 -5.53
N ILE B 137 21.65 31.24 -6.60
CA ILE B 137 21.53 29.79 -6.53
C ILE B 137 22.89 29.19 -6.89
N HIS B 138 23.35 28.25 -6.07
CA HIS B 138 24.66 27.64 -6.29
C HIS B 138 24.64 26.11 -6.21
N TRP B 139 25.58 25.48 -6.89
CA TRP B 139 25.68 24.02 -6.93
C TRP B 139 26.99 23.56 -6.30
N HIS B 140 26.95 22.43 -5.59
CA HIS B 140 28.12 21.91 -4.92
C HIS B 140 28.29 20.39 -5.03
N ASP B 141 29.53 19.96 -5.19
CA ASP B 141 29.85 18.54 -5.30
C ASP B 141 29.44 17.81 -4.03
N SER B 142 29.71 18.42 -2.89
CA SER B 142 29.37 17.82 -1.61
C SER B 142 28.88 18.84 -0.59
N PHE B 143 28.26 18.33 0.46
CA PHE B 143 27.73 19.14 1.55
C PHE B 143 28.83 20.01 2.16
N GLU B 144 30.07 19.52 2.10
CA GLU B 144 31.20 20.24 2.66
C GLU B 144 31.59 21.50 1.88
N ASP B 145 31.21 21.58 0.61
CA ASP B 145 31.56 22.73 -0.23
C ASP B 145 30.70 23.97 0.03
N VAL B 146 29.56 23.78 0.72
CA VAL B 146 28.65 24.87 1.02
C VAL B 146 29.23 25.90 1.97
N PRO B 147 29.21 27.19 1.59
CA PRO B 147 29.75 28.24 2.45
C PRO B 147 29.03 28.26 3.80
N GLU B 148 29.75 28.68 4.83
CA GLU B 148 29.22 28.73 6.20
C GLU B 148 28.10 29.75 6.39
N GLY B 149 27.42 29.64 7.54
CA GLY B 149 26.34 30.55 7.85
C GLY B 149 25.09 29.81 8.29
N PRO B 150 24.16 30.48 8.99
CA PRO B 150 22.91 29.87 9.46
C PRO B 150 22.19 29.24 8.28
N ALA B 151 21.46 28.15 8.51
CA ALA B 151 20.78 27.50 7.39
C ALA B 151 19.61 26.59 7.72
N VAL B 152 18.86 26.27 6.67
CA VAL B 152 17.75 25.34 6.74
C VAL B 152 18.21 24.27 5.76
N ILE B 153 18.38 23.05 6.25
CA ILE B 153 18.82 21.95 5.41
C ILE B 153 17.64 21.00 5.18
N LEU B 154 17.34 20.73 3.92
CA LEU B 154 16.23 19.85 3.58
C LEU B 154 16.77 18.57 2.94
N ALA B 155 16.43 17.44 3.54
CA ALA B 155 16.90 16.14 3.04
C ALA B 155 15.75 15.16 2.90
N ASN B 156 15.20 15.07 1.69
CA ASN B 156 14.07 14.19 1.40
C ASN B 156 14.54 12.91 0.71
N GLU B 157 14.37 11.79 1.41
CA GLU B 157 14.77 10.47 0.94
C GLU B 157 16.27 10.29 0.72
N TYR B 158 17.09 11.08 1.42
CA TYR B 158 18.54 11.00 1.29
C TYR B 158 19.13 9.81 2.07
N PHE B 159 18.68 9.64 3.31
CA PHE B 159 19.17 8.56 4.15
C PHE B 159 18.73 7.15 3.78
N ASP B 160 17.55 7.01 3.17
CA ASP B 160 17.08 5.67 2.82
C ASP B 160 17.87 4.98 1.72
N VAL B 161 18.64 5.73 0.94
CA VAL B 161 19.44 5.13 -0.12
C VAL B 161 20.92 4.96 0.24
N LEU B 162 21.28 5.26 1.49
CA LEU B 162 22.67 5.03 1.93
C LEU B 162 22.76 3.54 2.27
N PRO B 163 23.89 2.89 1.96
CA PRO B 163 24.07 1.46 2.23
C PRO B 163 23.68 1.03 3.65
N ILE B 164 22.86 -0.02 3.74
CA ILE B 164 22.41 -0.53 5.02
C ILE B 164 23.33 -1.65 5.51
N HIS B 165 23.68 -1.65 6.80
CA HIS B 165 24.52 -2.71 7.39
C HIS B 165 23.57 -3.62 8.17
N GLN B 166 23.80 -4.93 8.11
CA GLN B 166 22.94 -5.88 8.80
C GLN B 166 23.73 -6.95 9.56
N ALA B 167 23.20 -7.37 10.71
CA ALA B 167 23.85 -8.41 11.52
C ALA B 167 22.78 -9.38 12.00
N ILE B 168 23.15 -10.65 12.14
CA ILE B 168 22.23 -11.70 12.58
C ILE B 168 22.64 -12.26 13.94
N LYS B 169 21.69 -12.40 14.84
CA LYS B 169 21.97 -12.91 16.18
C LYS B 169 22.16 -14.43 16.23
N ARG B 170 23.30 -14.85 16.80
CA ARG B 170 23.61 -16.26 16.97
C ARG B 170 24.08 -16.43 18.41
N GLU B 171 24.02 -17.65 18.93
CA GLU B 171 24.44 -17.87 20.32
C GLU B 171 25.88 -17.44 20.55
N THR B 172 26.67 -17.41 19.48
CA THR B 172 28.06 -17.00 19.58
C THR B 172 28.23 -15.49 19.42
N GLY B 173 27.12 -14.79 19.18
CA GLY B 173 27.17 -13.36 19.01
C GLY B 173 26.49 -12.89 17.74
N TRP B 174 26.79 -11.66 17.31
CA TRP B 174 26.19 -11.12 16.09
C TRP B 174 27.18 -11.21 14.93
N HIS B 175 26.79 -11.92 13.86
CA HIS B 175 27.64 -12.07 12.68
C HIS B 175 27.10 -11.18 11.56
N GLU B 176 27.98 -10.46 10.88
CA GLU B 176 27.54 -9.60 9.80
C GLU B 176 26.85 -10.42 8.71
N ARG B 177 25.80 -9.85 8.14
CA ARG B 177 25.07 -10.52 7.07
C ARG B 177 25.83 -10.25 5.78
N VAL B 178 26.00 -11.28 4.96
CA VAL B 178 26.74 -11.13 3.71
C VAL B 178 26.03 -11.73 2.50
N ILE B 179 26.62 -11.51 1.33
CA ILE B 179 26.10 -12.04 0.08
C ILE B 179 27.05 -13.13 -0.41
N GLU B 180 26.48 -14.26 -0.81
CA GLU B 180 27.26 -15.39 -1.30
C GLU B 180 26.70 -15.89 -2.62
N ILE B 181 27.32 -16.92 -3.17
CA ILE B 181 26.87 -17.50 -4.43
C ILE B 181 26.26 -18.86 -4.12
N GLY B 182 25.04 -19.09 -4.60
CA GLY B 182 24.37 -20.36 -4.36
C GLY B 182 24.85 -21.47 -5.27
N ALA B 183 24.09 -22.56 -5.29
CA ALA B 183 24.43 -23.72 -6.11
C ALA B 183 24.28 -23.42 -7.60
N SER B 184 23.17 -22.78 -7.96
CA SER B 184 22.93 -22.45 -9.37
C SER B 184 23.60 -21.15 -9.78
N GLY B 185 24.63 -20.74 -9.02
CA GLY B 185 25.34 -19.51 -9.33
C GLY B 185 24.57 -18.24 -9.05
N GLU B 186 23.45 -18.35 -8.35
CA GLU B 186 22.65 -17.17 -8.02
C GLU B 186 23.16 -16.54 -6.73
N LEU B 187 22.85 -15.25 -6.56
CA LEU B 187 23.26 -14.52 -5.37
C LEU B 187 22.32 -14.89 -4.21
N VAL B 188 22.89 -15.15 -3.04
CA VAL B 188 22.09 -15.52 -1.88
C VAL B 188 22.60 -14.83 -0.63
N PHE B 189 21.77 -14.78 0.41
CA PHE B 189 22.14 -14.17 1.67
C PHE B 189 22.92 -15.17 2.51
N GLY B 190 23.97 -14.69 3.19
CA GLY B 190 24.77 -15.57 4.02
C GLY B 190 25.13 -14.93 5.34
N VAL B 191 25.93 -15.64 6.14
CA VAL B 191 26.34 -15.13 7.44
C VAL B 191 27.85 -15.20 7.61
N ALA B 192 28.44 -14.18 8.19
CA ALA B 192 29.89 -14.16 8.41
C ALA B 192 30.29 -15.34 9.30
N ALA B 193 31.55 -15.74 9.18
CA ALA B 193 32.07 -16.87 9.95
C ALA B 193 32.24 -16.52 11.43
N ASP B 194 32.89 -15.38 11.68
CA ASP B 194 33.13 -14.93 13.05
C ASP B 194 32.19 -13.78 13.44
N PRO B 195 31.90 -13.65 14.75
CA PRO B 195 31.02 -12.58 15.22
C PRO B 195 31.72 -11.24 15.20
N ILE B 196 30.96 -10.17 15.38
CA ILE B 196 31.52 -8.83 15.41
C ILE B 196 31.97 -8.66 16.86
N PRO B 197 33.26 -8.31 17.08
CA PRO B 197 33.83 -8.12 18.41
C PRO B 197 32.94 -7.53 19.50
N GLY B 198 32.93 -6.21 19.64
CA GLY B 198 32.10 -5.60 20.65
C GLY B 198 30.80 -5.04 20.10
N PHE B 199 30.08 -5.85 19.34
CA PHE B 199 28.82 -5.40 18.75
C PHE B 199 27.73 -5.16 19.79
N GLU B 200 27.59 -6.07 20.74
CA GLU B 200 26.56 -5.93 21.77
C GLU B 200 26.63 -4.59 22.50
N ALA B 201 27.84 -4.05 22.62
CA ALA B 201 28.02 -2.75 23.27
C ALA B 201 27.53 -1.73 22.24
N LEU B 202 27.07 -0.57 22.71
CA LEU B 202 26.57 0.46 21.81
C LEU B 202 25.37 -0.02 20.97
N LEU B 203 24.71 -1.07 21.47
CA LEU B 203 23.52 -1.63 20.81
C LEU B 203 22.40 -1.33 21.81
N PRO B 204 21.24 -0.88 21.33
CA PRO B 204 20.17 -0.58 22.29
C PRO B 204 19.97 -1.75 23.26
N PRO B 205 20.04 -1.48 24.58
CA PRO B 205 19.87 -2.51 25.61
C PRO B 205 18.85 -3.60 25.28
N LEU B 206 17.64 -3.20 24.92
CA LEU B 206 16.58 -4.17 24.61
C LEU B 206 16.96 -5.11 23.47
N ALA B 207 17.45 -4.54 22.37
CA ALA B 207 17.83 -5.36 21.21
C ALA B 207 18.85 -6.44 21.57
N ARG B 208 19.58 -6.24 22.66
CA ARG B 208 20.59 -7.21 23.09
C ARG B 208 19.96 -8.53 23.54
N LEU B 209 18.70 -8.48 23.93
CA LEU B 209 17.98 -9.67 24.40
C LEU B 209 17.27 -10.40 23.27
N SER B 210 17.58 -10.02 22.03
CA SER B 210 16.96 -10.64 20.86
C SER B 210 17.30 -12.12 20.72
N PRO B 211 16.32 -12.93 20.29
CA PRO B 211 16.57 -14.37 20.13
C PRO B 211 17.40 -14.61 18.86
N PRO B 212 17.94 -15.82 18.70
CA PRO B 212 18.74 -16.12 17.51
C PRO B 212 17.94 -15.93 16.23
N GLY B 213 18.58 -15.42 15.19
CA GLY B 213 17.89 -15.20 13.93
C GLY B 213 17.37 -13.79 13.78
N ALA B 214 17.43 -13.01 14.86
CA ALA B 214 16.96 -11.64 14.82
C ALA B 214 17.92 -10.84 13.95
N VAL B 215 17.38 -9.91 13.17
CA VAL B 215 18.19 -9.07 12.29
C VAL B 215 18.24 -7.62 12.76
N PHE B 216 19.44 -7.10 13.00
CA PHE B 216 19.55 -5.71 13.41
C PHE B 216 20.16 -4.92 12.27
N GLU B 217 19.60 -3.76 11.98
CA GLU B 217 20.09 -2.91 10.88
C GLU B 217 20.60 -1.58 11.39
N TRP B 218 21.66 -1.07 10.76
CA TRP B 218 22.23 0.20 11.14
C TRP B 218 23.03 0.80 10.01
N ARG B 219 23.35 2.09 10.14
CA ARG B 219 24.16 2.80 9.17
C ARG B 219 25.17 3.60 9.97
N PRO B 220 26.41 3.73 9.46
CA PRO B 220 27.41 4.51 10.20
C PRO B 220 26.82 5.92 10.36
N ASP B 221 27.23 6.64 11.40
CA ASP B 221 26.71 7.97 11.66
C ASP B 221 27.42 9.13 10.97
N THR B 222 28.24 8.83 9.96
CA THR B 222 29.01 9.85 9.25
C THR B 222 28.18 11.04 8.72
N GLU B 223 27.19 10.77 7.89
CA GLU B 223 26.38 11.84 7.32
C GLU B 223 25.57 12.64 8.33
N ILE B 224 24.87 11.97 9.24
CA ILE B 224 24.08 12.70 10.22
C ILE B 224 24.99 13.52 11.16
N LEU B 225 26.18 13.00 11.44
CA LEU B 225 27.09 13.76 12.30
C LEU B 225 27.54 15.06 11.58
N LYS B 226 27.81 14.97 10.29
CA LYS B 226 28.21 16.16 9.54
C LYS B 226 27.09 17.19 9.52
N ILE B 227 25.87 16.71 9.26
CA ILE B 227 24.72 17.61 9.22
C ILE B 227 24.44 18.22 10.59
N ALA B 228 24.46 17.38 11.64
CA ALA B 228 24.19 17.86 12.99
C ALA B 228 25.24 18.82 13.53
N SER B 229 26.51 18.60 13.21
CA SER B 229 27.54 19.50 13.73
C SER B 229 27.48 20.84 12.99
N ARG B 230 27.10 20.81 11.72
CA ARG B 230 26.97 22.03 10.93
C ARG B 230 25.94 22.99 11.55
N VAL B 231 24.73 22.51 11.87
CA VAL B 231 23.73 23.39 12.46
C VAL B 231 24.06 23.77 13.90
N ARG B 232 24.77 22.88 14.60
CA ARG B 232 25.18 23.15 15.97
C ARG B 232 26.20 24.29 15.95
N ASP B 233 27.14 24.21 15.02
CA ASP B 233 28.20 25.20 14.88
C ASP B 233 27.80 26.51 14.22
N GLN B 234 27.00 26.44 13.15
CA GLN B 234 26.60 27.63 12.41
C GLN B 234 25.16 28.14 12.56
N GLY B 235 24.28 27.32 13.12
CA GLY B 235 22.90 27.76 13.29
C GLY B 235 21.89 27.21 12.30
N GLY B 236 20.62 27.32 12.66
CA GLY B 236 19.56 26.83 11.80
C GLY B 236 19.10 25.43 12.18
N ALA B 237 18.53 24.71 11.22
CA ALA B 237 18.03 23.38 11.47
C ALA B 237 17.95 22.56 10.20
N ALA B 238 17.92 21.24 10.37
CA ALA B 238 17.81 20.33 9.25
C ALA B 238 16.49 19.58 9.36
N LEU B 239 15.91 19.26 8.21
CA LEU B 239 14.65 18.53 8.16
C LEU B 239 14.92 17.25 7.37
N ILE B 240 14.75 16.11 8.03
CA ILE B 240 14.98 14.83 7.39
C ILE B 240 13.67 14.04 7.28
N ILE B 241 13.31 13.68 6.05
CA ILE B 241 12.09 12.95 5.77
C ILE B 241 12.44 11.67 5.03
N ASP B 242 11.90 10.54 5.49
CA ASP B 242 12.19 9.26 4.88
C ASP B 242 11.28 8.15 5.38
N TYR B 243 11.37 7.00 4.73
CA TYR B 243 10.60 5.82 5.11
C TYR B 243 11.37 5.23 6.30
N GLY B 244 10.70 4.99 7.42
CA GLY B 244 11.39 4.43 8.56
C GLY B 244 10.56 4.22 9.81
N HIS B 245 11.23 3.95 10.93
CA HIS B 245 10.58 3.71 12.21
C HIS B 245 11.08 4.65 13.30
N LEU B 246 10.27 4.83 14.33
CA LEU B 246 10.58 5.74 15.44
C LEU B 246 11.45 5.17 16.56
N ARG B 247 11.43 3.85 16.75
CA ARG B 247 12.23 3.24 17.81
C ARG B 247 13.14 2.12 17.27
N SER B 248 14.39 2.10 17.69
CA SER B 248 15.31 1.07 17.24
C SER B 248 14.69 -0.28 17.56
N ASP B 249 14.80 -1.21 16.62
CA ASP B 249 14.21 -2.53 16.81
C ASP B 249 14.84 -3.48 15.81
N VAL B 250 14.33 -4.71 15.72
CA VAL B 250 14.89 -5.69 14.79
C VAL B 250 13.99 -5.95 13.58
N GLY B 251 14.56 -6.57 12.55
CA GLY B 251 13.82 -6.89 11.35
C GLY B 251 14.53 -6.47 10.08
N ASP B 252 14.41 -7.30 9.05
CA ASP B 252 15.02 -7.05 7.77
C ASP B 252 14.08 -6.19 6.93
N THR B 253 14.56 -5.03 6.46
CA THR B 253 13.74 -4.14 5.64
C THR B 253 14.42 -3.77 4.32
N PHE B 254 15.47 -4.51 3.98
CA PHE B 254 16.25 -4.30 2.75
C PHE B 254 15.44 -4.85 1.56
N GLN B 255 14.96 -3.95 0.70
CA GLN B 255 14.15 -4.35 -0.46
C GLN B 255 14.47 -3.52 -1.69
N ALA B 256 14.10 -4.02 -2.86
CA ALA B 256 14.29 -3.29 -4.09
C ALA B 256 12.95 -2.61 -4.28
N ILE B 257 12.93 -1.44 -4.91
CA ILE B 257 11.69 -0.71 -5.12
C ILE B 257 11.30 -0.65 -6.59
N ALA B 258 10.13 -1.21 -6.90
CA ALA B 258 9.63 -1.21 -8.28
C ALA B 258 8.59 -0.09 -8.41
N SER B 259 8.14 0.16 -9.64
CA SER B 259 7.18 1.21 -9.90
C SER B 259 5.85 1.06 -9.17
N HIS B 260 5.38 -0.18 -8.98
CA HIS B 260 4.11 -0.39 -8.30
C HIS B 260 4.12 -1.50 -7.25
N SER B 261 5.31 -1.77 -6.71
CA SER B 261 5.45 -2.80 -5.69
C SER B 261 6.91 -2.90 -5.23
N TYR B 262 7.15 -3.76 -4.24
CA TYR B 262 8.50 -3.98 -3.73
C TYR B 262 8.99 -5.24 -4.40
N ALA B 263 10.32 -5.41 -4.49
CA ALA B 263 10.89 -6.59 -5.13
C ALA B 263 12.09 -7.15 -4.39
N ASP B 264 12.56 -8.32 -4.85
CA ASP B 264 13.71 -9.01 -4.26
C ASP B 264 14.97 -8.19 -4.52
N PRO B 265 15.68 -7.79 -3.46
CA PRO B 265 16.90 -6.99 -3.63
C PRO B 265 18.08 -7.69 -4.32
N LEU B 266 18.06 -9.01 -4.33
CA LEU B 266 19.14 -9.76 -4.97
C LEU B 266 18.90 -9.97 -6.47
N GLN B 267 17.78 -9.46 -6.97
CA GLN B 267 17.47 -9.59 -8.40
C GLN B 267 17.96 -8.39 -9.21
N HIS B 268 18.45 -8.66 -10.41
CA HIS B 268 18.96 -7.62 -11.32
C HIS B 268 19.76 -6.50 -10.67
N PRO B 269 20.89 -6.83 -10.02
CA PRO B 269 21.72 -5.81 -9.38
C PRO B 269 22.19 -4.73 -10.37
N GLY B 270 22.01 -3.48 -9.97
CA GLY B 270 22.42 -2.38 -10.83
C GLY B 270 21.28 -1.82 -11.66
N ARG B 271 20.16 -2.55 -11.71
CA ARG B 271 18.99 -2.11 -12.46
C ARG B 271 17.78 -1.88 -11.57
N ALA B 272 17.98 -2.00 -10.25
CA ALA B 272 16.88 -1.81 -9.33
C ALA B 272 17.24 -0.78 -8.26
N ASP B 273 16.25 0.03 -7.90
CA ASP B 273 16.42 1.02 -6.86
C ASP B 273 16.29 0.26 -5.55
N LEU B 274 17.28 0.40 -4.67
CA LEU B 274 17.28 -0.32 -3.39
C LEU B 274 17.02 0.59 -2.20
N THR B 275 16.47 0.03 -1.13
CA THR B 275 16.18 0.80 0.07
C THR B 275 16.14 -0.04 1.35
N ALA B 276 16.11 0.66 2.48
CA ALA B 276 16.01 0.03 3.80
C ALA B 276 15.53 1.13 4.74
N HIS B 277 14.71 0.75 5.72
CA HIS B 277 14.20 1.71 6.70
C HIS B 277 15.30 2.55 7.30
N VAL B 278 14.97 3.80 7.56
CA VAL B 278 15.88 4.70 8.23
C VAL B 278 15.49 4.57 9.71
N ASP B 279 16.48 4.43 10.59
CA ASP B 279 16.24 4.31 12.03
C ASP B 279 16.25 5.74 12.59
N PHE B 280 15.07 6.33 12.76
CA PHE B 280 14.95 7.71 13.26
C PHE B 280 15.40 7.85 14.72
N ASP B 281 15.38 6.74 15.46
CA ASP B 281 15.81 6.72 16.86
C ASP B 281 17.34 6.93 16.85
N ALA B 282 18.03 6.16 16.01
CA ALA B 282 19.49 6.26 15.90
C ALA B 282 19.92 7.63 15.39
N LEU B 283 19.13 8.19 14.48
CA LEU B 283 19.40 9.51 13.92
C LEU B 283 19.36 10.55 15.05
N GLY B 284 18.31 10.50 15.86
CA GLY B 284 18.17 11.42 16.97
C GLY B 284 19.28 11.28 18.00
N ARG B 285 19.66 10.04 18.30
CA ARG B 285 20.71 9.77 19.27
C ARG B 285 22.06 10.35 18.82
N ALA B 286 22.38 10.16 17.54
CA ALA B 286 23.63 10.66 16.99
C ALA B 286 23.68 12.18 17.11
N ALA B 287 22.56 12.83 16.78
CA ALA B 287 22.48 14.29 16.85
C ALA B 287 22.75 14.77 18.28
N GLU B 288 22.02 14.18 19.24
CA GLU B 288 22.19 14.52 20.65
C GLU B 288 23.59 14.20 21.18
N SER B 289 24.21 13.14 20.68
CA SER B 289 25.53 12.74 21.16
C SER B 289 26.62 13.79 20.95
N ILE B 290 26.41 14.70 20.00
CA ILE B 290 27.40 15.74 19.77
C ILE B 290 26.93 17.16 20.08
N GLY B 291 25.86 17.28 20.85
CA GLY B 291 25.40 18.61 21.22
C GLY B 291 24.26 19.24 20.45
N ALA B 292 23.83 18.63 19.34
CA ALA B 292 22.70 19.19 18.57
C ALA B 292 21.39 18.74 19.22
N ARG B 293 20.27 19.36 18.85
CA ARG B 293 18.98 19.02 19.46
C ARG B 293 18.01 18.38 18.46
N ALA B 294 17.48 17.20 18.84
CA ALA B 294 16.54 16.46 18.00
C ALA B 294 15.11 16.91 18.32
N HIS B 295 14.27 16.94 17.28
CA HIS B 295 12.88 17.35 17.42
C HIS B 295 11.97 16.32 16.75
N GLY B 296 10.98 15.85 17.49
CA GLY B 296 10.07 14.85 16.98
C GLY B 296 10.65 13.51 17.43
N PRO B 297 10.64 12.49 16.56
CA PRO B 297 10.13 12.51 15.18
C PRO B 297 8.61 12.30 15.16
N VAL B 298 7.99 12.55 14.01
CA VAL B 298 6.54 12.37 13.84
C VAL B 298 6.31 11.77 12.46
N THR B 299 5.08 11.37 12.17
CA THR B 299 4.78 10.81 10.85
C THR B 299 4.66 11.95 9.83
N GLN B 300 4.92 11.65 8.57
CA GLN B 300 4.79 12.66 7.51
C GLN B 300 3.35 13.19 7.53
N GLY B 301 2.40 12.29 7.72
CA GLY B 301 1.00 12.68 7.76
C GLY B 301 0.72 13.74 8.81
N ALA B 302 1.15 13.48 10.04
CA ALA B 302 0.93 14.45 11.11
C ALA B 302 1.70 15.75 10.85
N PHE B 303 2.92 15.65 10.32
CA PHE B 303 3.72 16.83 10.04
C PHE B 303 3.04 17.78 9.04
N LEU B 304 2.66 17.24 7.88
CA LEU B 304 2.02 18.07 6.86
C LEU B 304 0.65 18.60 7.25
N LYS B 305 -0.12 17.80 7.99
CA LYS B 305 -1.42 18.24 8.44
C LYS B 305 -1.29 19.44 9.39
N ARG B 306 -0.29 19.38 10.26
CA ARG B 306 -0.04 20.47 11.20
C ARG B 306 0.41 21.75 10.49
N LEU B 307 0.98 21.61 9.30
CA LEU B 307 1.43 22.75 8.52
C LEU B 307 0.28 23.33 7.68
N GLY B 308 -0.89 22.72 7.78
CA GLY B 308 -2.05 23.20 7.04
C GLY B 308 -2.26 22.70 5.62
N ILE B 309 -1.75 21.51 5.31
CA ILE B 309 -1.89 20.97 3.95
C ILE B 309 -3.34 20.76 3.52
N GLU B 310 -4.23 20.41 4.43
CA GLU B 310 -5.64 20.21 4.09
C GLU B 310 -6.31 21.51 3.58
N THR B 311 -6.02 22.63 4.23
CA THR B 311 -6.60 23.92 3.83
C THR B 311 -6.04 24.39 2.48
N ARG B 312 -4.75 24.16 2.25
CA ARG B 312 -4.12 24.55 0.99
C ARG B 312 -4.71 23.70 -0.13
N ALA B 313 -4.90 22.41 0.14
CA ALA B 313 -5.46 21.50 -0.87
C ALA B 313 -6.88 21.94 -1.27
N LEU B 314 -7.71 22.25 -0.28
CA LEU B 314 -9.08 22.68 -0.52
C LEU B 314 -9.10 23.95 -1.37
N SER B 315 -8.22 24.87 -1.02
CA SER B 315 -8.12 26.14 -1.73
C SER B 315 -7.80 25.88 -3.20
N LEU B 316 -6.86 24.97 -3.44
CA LEU B 316 -6.44 24.62 -4.80
C LEU B 316 -7.52 23.89 -5.59
N MSE B 317 -8.26 22.98 -4.96
CA MSE B 317 -9.30 22.28 -5.70
C MSE B 317 -10.50 23.18 -6.01
O MSE B 317 -11.12 23.05 -7.06
CB MSE B 317 -9.73 20.96 -5.02
CG MSE B 317 -9.68 20.86 -3.50
SE MSE B 317 -9.49 18.98 -2.81
CE MSE B 317 -11.26 18.32 -3.23
N ALA B 318 -10.82 24.11 -5.12
CA ALA B 318 -11.94 25.02 -5.35
C ALA B 318 -11.76 25.82 -6.65
N LYS B 319 -10.52 26.13 -7.00
CA LYS B 319 -10.24 26.92 -8.21
C LYS B 319 -9.76 26.12 -9.40
N ALA B 320 -9.67 24.80 -9.27
CA ALA B 320 -9.18 23.96 -10.36
C ALA B 320 -10.27 23.32 -11.21
N THR B 321 -9.88 22.85 -12.39
CA THR B 321 -10.79 22.18 -13.30
C THR B 321 -11.12 20.86 -12.61
N PRO B 322 -12.15 20.15 -13.07
CA PRO B 322 -12.54 18.88 -12.45
C PRO B 322 -11.43 17.82 -12.33
N GLN B 323 -10.65 17.63 -13.39
CA GLN B 323 -9.58 16.62 -13.37
C GLN B 323 -8.45 17.01 -12.45
N VAL B 324 -8.05 18.28 -12.50
CA VAL B 324 -6.97 18.77 -11.66
C VAL B 324 -7.41 18.70 -10.20
N SER B 325 -8.67 19.03 -9.95
CA SER B 325 -9.20 18.97 -8.60
C SER B 325 -9.09 17.55 -8.06
N GLU B 326 -9.40 16.58 -8.91
CA GLU B 326 -9.35 15.18 -8.52
C GLU B 326 -7.90 14.77 -8.26
N ASP B 327 -6.97 15.29 -9.07
CA ASP B 327 -5.56 14.98 -8.90
C ASP B 327 -5.03 15.52 -7.56
N ILE B 328 -5.52 16.69 -7.16
CA ILE B 328 -5.10 17.30 -5.90
C ILE B 328 -5.60 16.48 -4.72
N ALA B 329 -6.87 16.06 -4.78
CA ALA B 329 -7.47 15.28 -3.72
C ALA B 329 -6.71 13.97 -3.48
N GLY B 330 -6.34 13.30 -4.57
CA GLY B 330 -5.61 12.05 -4.45
C GLY B 330 -4.22 12.31 -3.90
N ALA B 331 -3.59 13.39 -4.34
CA ALA B 331 -2.26 13.77 -3.89
C ALA B 331 -2.26 13.99 -2.38
N LEU B 332 -3.31 14.61 -1.86
CA LEU B 332 -3.43 14.86 -0.42
C LEU B 332 -3.45 13.54 0.35
N GLN B 333 -4.17 12.56 -0.17
CA GLN B 333 -4.27 11.26 0.49
C GLN B 333 -2.93 10.51 0.46
N ARG B 334 -2.27 10.50 -0.70
CA ARG B 334 -0.98 9.81 -0.86
C ARG B 334 0.08 10.35 0.10
N LEU B 335 0.03 11.65 0.33
CA LEU B 335 0.98 12.33 1.21
C LEU B 335 0.66 12.21 2.70
N THR B 336 -0.62 12.12 3.04
CA THR B 336 -0.99 12.11 4.45
C THR B 336 -1.82 10.96 5.02
N GLY B 337 -2.41 10.14 4.17
CA GLY B 337 -3.22 9.05 4.70
C GLY B 337 -2.46 7.75 4.82
N GLU B 338 -3.20 6.66 5.05
CA GLU B 338 -2.58 5.35 5.15
C GLU B 338 -3.45 4.30 4.45
N GLY B 339 -2.78 3.29 3.89
CA GLY B 339 -3.47 2.25 3.15
C GLY B 339 -3.40 2.52 1.66
N ARG B 340 -3.48 1.46 0.86
CA ARG B 340 -3.44 1.59 -0.60
C ARG B 340 -2.16 2.27 -1.11
N GLY B 341 -1.07 2.15 -0.37
CA GLY B 341 0.18 2.78 -0.81
C GLY B 341 0.42 4.20 -0.32
N ALA B 342 -0.53 4.76 0.44
CA ALA B 342 -0.36 6.13 0.97
C ALA B 342 0.79 6.11 1.98
N MSE B 343 1.62 7.14 1.95
CA MSE B 343 2.79 7.20 2.83
C MSE B 343 2.74 8.09 4.09
O MSE B 343 3.78 8.28 4.72
CB MSE B 343 4.00 7.60 1.99
CG MSE B 343 4.39 6.55 0.94
SE MSE B 343 4.88 4.80 1.68
CE MSE B 343 3.67 3.63 0.69
N GLY B 344 1.57 8.59 4.44
CA GLY B 344 1.47 9.44 5.61
C GLY B 344 1.88 8.81 6.94
N SER B 345 1.79 7.49 7.01
CA SER B 345 2.13 6.75 8.22
C SER B 345 3.53 6.13 8.18
N MSE B 346 3.93 5.60 7.02
CA MSE B 346 5.24 4.96 6.90
C MSE B 346 6.43 5.94 6.82
O MSE B 346 7.52 5.62 7.29
CB MSE B 346 5.27 4.04 5.66
CG MSE B 346 4.30 2.85 5.74
SE MSE B 346 4.59 1.61 7.23
CE MSE B 346 3.39 2.39 8.54
N PHE B 347 6.22 7.12 6.23
CA PHE B 347 7.29 8.11 6.19
C PHE B 347 7.25 8.87 7.51
N LYS B 348 8.43 9.21 8.02
CA LYS B 348 8.56 9.94 9.28
C LYS B 348 9.36 11.21 9.02
N VAL B 349 9.30 12.13 9.97
CA VAL B 349 10.01 13.41 9.87
C VAL B 349 10.71 13.69 11.18
N ILE B 350 11.96 14.15 11.11
CA ILE B 350 12.70 14.50 12.32
C ILE B 350 13.47 15.79 12.05
N GLY B 351 13.55 16.65 13.04
CA GLY B 351 14.29 17.89 12.89
C GLY B 351 15.52 17.84 13.79
N VAL B 352 16.61 18.46 13.36
CA VAL B 352 17.83 18.51 14.15
C VAL B 352 18.29 19.95 14.07
N SER B 353 18.44 20.60 15.21
CA SER B 353 18.82 21.99 15.19
C SER B 353 19.95 22.42 16.10
N ASP B 354 20.27 23.70 15.98
CA ASP B 354 21.25 24.37 16.79
C ASP B 354 20.61 24.21 18.17
N PRO B 355 21.38 23.79 19.19
CA PRO B 355 20.77 23.62 20.51
C PRO B 355 20.05 24.84 21.05
N LYS B 356 20.43 26.03 20.58
CA LYS B 356 19.81 27.28 21.00
C LYS B 356 18.33 27.33 20.63
N ILE B 357 17.97 26.64 19.55
CA ILE B 357 16.57 26.57 19.11
C ILE B 357 15.91 25.47 19.94
N GLU B 358 14.95 25.84 20.79
CA GLU B 358 14.31 24.87 21.65
C GLU B 358 13.12 24.09 21.08
N THR B 359 12.41 24.66 20.12
CA THR B 359 11.28 23.97 19.50
C THR B 359 11.22 24.27 18.01
N LEU B 360 10.63 23.34 17.26
CA LEU B 360 10.46 23.50 15.82
C LEU B 360 8.99 23.24 15.54
N VAL B 361 8.41 24.06 14.67
CA VAL B 361 7.01 23.94 14.29
C VAL B 361 6.61 22.56 13.75
N ALA B 362 5.50 22.04 14.24
CA ALA B 362 4.96 20.75 13.81
C ALA B 362 5.75 19.53 14.28
N LEU B 363 6.83 19.75 15.03
CA LEU B 363 7.65 18.66 15.53
C LEU B 363 7.74 18.59 17.05
N SER B 364 8.02 19.73 17.69
CA SER B 364 8.15 19.78 19.14
C SER B 364 7.46 20.98 19.76
N ASP B 365 6.55 21.62 19.02
CA ASP B 365 5.85 22.79 19.52
C ASP B 365 4.54 22.45 20.22
N ASP B 366 4.20 21.16 20.24
CA ASP B 366 2.98 20.70 20.87
C ASP B 366 3.28 19.59 21.87
#